data_7URU
#
_entry.id   7URU
#
_cell.length_a   72.983
_cell.length_b   100.750
_cell.length_c   124.916
_cell.angle_alpha   90.00
_cell.angle_beta   90.00
_cell.angle_gamma   90.00
#
_symmetry.space_group_name_H-M   'P 21 21 21'
#
loop_
_entity.id
_entity.type
_entity.pdbx_description
1 polymer 'Immunoglobulin gamma-1 heavy chain'
2 polymer 'Low affinity immunoglobulin gamma Fc region receptor III-A'
3 branched 2-acetamido-2-deoxy-beta-D-glucopyranose-(1-2)-alpha-D-mannopyranose-(1-3)-[2-acetamido-2-deoxy-beta-D-glucopyranose-(1-2)-alpha-D-mannopyranose-(1-6)]beta-D-mannopyranose-(1-4)-2-acetamido-2-deoxy-beta-D-glucopyranose-(1-4)-[alpha-L-fucopyranose-(1-6)]2-acetamido-2-deoxy-beta-D-glucopyranose
4 non-polymer 2-acetamido-2-deoxy-beta-D-glucopyranose
5 water water
#
loop_
_entity_poly.entity_id
_entity_poly.type
_entity_poly.pdbx_seq_one_letter_code
_entity_poly.pdbx_strand_id
1 'polypeptide(L)'
;TCPPCPAPELLGGPSVFLFPPKPKDTLMISRTPEVTCVVVDVSHEDPEVKFNWYVDGVEVHNAKTKPREEQYNSTYRVVS
VLTVLHQDWLNGKEYKCKVSNKALPAPIEKTISKAKGQPREPQVYTLPPSRDELTKNQVSLTCLVKGFYPSDIAVEWESN
GQPENNYKTTPPVLDSDGSFFLYSKLTVDKSRWQQGNVFSCSVMHEALHNHYTQKSLSLSPGK
;
A,B
2 'polypeptide(L)'
;GSRTEDLPKAVVFLEPQWYRVLEKDSVTLKCQGAYSPEDQSTQWFHNESLISSQASSYFIDAATVDDSGEYRCQTQLSTL
SDPVQLEVHIGWLLLQAPRWVFKEEDPIHLRCHSWKNTALHKVTYLQNGKGRKYFHHNSDFYIPKATLKDSGSYFCRGLF
GSKNVSSETVQITITQG
;
C
#
loop_
_chem_comp.id
_chem_comp.type
_chem_comp.name
_chem_comp.formula
BMA D-saccharide, beta linking beta-D-mannopyranose 'C6 H12 O6'
FUC L-saccharide, alpha linking alpha-L-fucopyranose 'C6 H12 O5'
MAN D-saccharide, alpha linking alpha-D-mannopyranose 'C6 H12 O6'
NAG D-saccharide, beta linking 2-acetamido-2-deoxy-beta-D-glucopyranose 'C8 H15 N O6'
#
# COMPACT_ATOMS: atom_id res chain seq x y z
N GLU A 9 -11.88 13.07 -10.43
CA GLU A 9 -10.61 12.39 -10.66
C GLU A 9 -9.65 13.29 -11.48
N LEU A 10 -8.55 12.72 -11.99
CA LEU A 10 -7.59 13.51 -12.75
C LEU A 10 -6.87 12.65 -13.80
N LEU A 11 -6.12 13.33 -14.66
CA LEU A 11 -5.44 12.74 -15.81
C LEU A 11 -3.94 12.64 -15.51
N GLY A 12 -3.05 13.00 -16.43
CA GLY A 12 -1.63 13.04 -16.17
C GLY A 12 -1.19 14.41 -15.71
N GLY A 13 0.11 14.62 -15.74
CA GLY A 13 0.68 15.87 -15.25
C GLY A 13 1.30 15.67 -13.89
N PRO A 14 1.94 16.71 -13.37
CA PRO A 14 2.67 16.55 -12.12
C PRO A 14 1.70 16.40 -10.96
N SER A 15 2.26 15.91 -9.86
CA SER A 15 1.53 15.65 -8.63
C SER A 15 2.18 16.37 -7.47
N VAL A 16 1.39 16.71 -6.46
CA VAL A 16 1.91 17.54 -5.38
C VAL A 16 1.60 16.92 -4.04
N PHE A 17 2.56 17.01 -3.16
CA PHE A 17 2.41 16.46 -1.82
C PHE A 17 2.86 17.50 -0.85
N LEU A 18 1.99 17.77 0.12
CA LEU A 18 2.18 18.76 1.17
C LEU A 18 2.38 18.08 2.51
N PHE A 19 3.55 18.27 3.11
CA PHE A 19 3.96 17.64 4.34
C PHE A 19 4.06 18.64 5.47
N PRO A 20 3.53 18.29 6.65
CA PRO A 20 3.56 19.17 7.79
C PRO A 20 4.92 19.21 8.43
N PRO A 21 5.11 20.06 9.42
CA PRO A 21 6.34 20.05 10.20
C PRO A 21 6.26 18.97 11.25
N LYS A 22 7.45 18.53 11.69
CA LYS A 22 7.56 17.49 12.69
C LYS A 22 7.09 18.02 14.04
N PRO A 23 6.37 17.23 14.82
CA PRO A 23 5.78 17.75 16.06
C PRO A 23 6.81 18.38 17.00
N LYS A 24 7.94 17.70 17.21
CA LYS A 24 8.98 18.24 18.07
C LYS A 24 9.45 19.62 17.59
N ASP A 25 9.51 19.84 16.28
CA ASP A 25 9.96 21.17 15.83
C ASP A 25 8.97 22.26 16.19
N THR A 26 7.68 21.94 16.29
CA THR A 26 6.69 22.98 16.61
C THR A 26 6.64 23.33 18.10
N LEU A 27 7.25 22.50 18.96
CA LEU A 27 7.18 22.72 20.40
C LEU A 27 8.41 23.38 20.99
N MET A 28 9.58 23.25 20.39
CA MET A 28 10.81 23.77 20.95
C MET A 28 11.19 25.06 20.25
N ILE A 29 11.32 26.15 21.00
CA ILE A 29 11.59 27.42 20.36
C ILE A 29 12.94 27.42 19.68
N SER A 30 13.87 26.60 20.16
CA SER A 30 15.21 26.51 19.58
C SER A 30 15.22 25.85 18.20
N ARG A 31 14.15 25.10 17.88
CA ARG A 31 14.04 24.41 16.57
C ARG A 31 13.27 25.30 15.59
N THR A 32 13.32 24.96 14.29
CA THR A 32 12.61 25.72 13.25
C THR A 32 11.65 24.82 12.48
N PRO A 33 10.34 24.92 12.71
CA PRO A 33 9.41 24.06 11.98
C PRO A 33 9.25 24.52 10.54
N GLU A 34 9.02 23.55 9.66
CA GLU A 34 8.90 23.85 8.24
C GLU A 34 7.74 23.11 7.63
N VAL A 35 7.10 23.75 6.66
CA VAL A 35 6.10 23.09 5.83
C VAL A 35 6.78 22.80 4.51
N THR A 36 6.51 21.64 3.90
CA THR A 36 7.23 21.19 2.72
C THR A 36 6.28 20.80 1.59
N CYS A 37 6.56 21.32 0.40
CA CYS A 37 5.74 21.06 -0.80
C CYS A 37 6.61 20.36 -1.83
N VAL A 38 6.22 19.15 -2.20
CA VAL A 38 6.99 18.34 -3.13
C VAL A 38 6.17 18.20 -4.39
N VAL A 39 6.83 18.35 -5.54
CA VAL A 39 6.21 18.20 -6.84
C VAL A 39 6.95 17.11 -7.56
N VAL A 40 6.21 16.10 -8.01
CA VAL A 40 6.77 14.96 -8.72
C VAL A 40 6.14 14.81 -10.10
N ASP A 41 6.75 13.96 -10.93
CA ASP A 41 6.26 13.68 -12.27
C ASP A 41 6.33 14.95 -13.10
N VAL A 42 7.51 15.56 -13.12
CA VAL A 42 7.73 16.78 -13.86
C VAL A 42 8.59 16.40 -15.05
N SER A 43 8.09 16.70 -16.24
CA SER A 43 8.71 16.25 -17.47
C SER A 43 9.89 17.14 -17.83
N HIS A 44 10.81 16.59 -18.61
CA HIS A 44 11.96 17.35 -19.10
C HIS A 44 11.55 18.39 -20.14
N GLU A 45 10.44 18.16 -20.84
CA GLU A 45 9.93 19.06 -21.86
C GLU A 45 9.61 20.45 -21.29
N ASP A 46 8.67 20.57 -20.33
CA ASP A 46 8.35 21.84 -19.69
C ASP A 46 8.78 21.81 -18.23
N PRO A 47 9.97 22.20 -17.92
CA PRO A 47 10.46 21.90 -16.59
C PRO A 47 10.41 23.10 -15.66
N GLU A 48 9.63 24.11 -16.02
CA GLU A 48 9.49 25.31 -15.19
C GLU A 48 8.37 25.07 -14.17
N VAL A 49 8.67 25.20 -12.89
CA VAL A 49 7.62 24.96 -11.91
C VAL A 49 7.56 26.10 -10.91
N LYS A 50 6.38 26.72 -10.78
CA LYS A 50 6.26 27.92 -9.96
C LYS A 50 5.44 27.63 -8.71
N PHE A 51 5.96 28.06 -7.55
CA PHE A 51 5.34 27.89 -6.24
C PHE A 51 4.75 29.19 -5.70
N ASN A 52 3.55 29.11 -5.12
CA ASN A 52 2.88 30.23 -4.45
C ASN A 52 2.36 29.77 -3.10
N TRP A 53 2.94 30.31 -2.03
CA TRP A 53 2.60 29.90 -0.67
C TRP A 53 1.62 30.88 -0.03
N TYR A 54 0.51 30.34 0.51
CA TYR A 54 -0.56 31.15 1.10
C TYR A 54 -0.78 30.69 2.53
N VAL A 55 -0.60 31.60 3.49
CA VAL A 55 -0.91 31.35 4.90
C VAL A 55 -2.20 32.10 5.19
N ASP A 56 -3.33 31.41 5.10
CA ASP A 56 -4.66 32.04 5.20
C ASP A 56 -4.78 33.22 4.26
N GLY A 57 -4.72 32.91 2.97
CA GLY A 57 -4.91 33.87 1.90
C GLY A 57 -3.81 34.90 1.79
N VAL A 58 -2.66 34.67 2.42
CA VAL A 58 -1.60 35.66 2.52
C VAL A 58 -0.43 35.14 1.73
N GLU A 59 -0.23 35.66 0.52
CA GLU A 59 0.97 35.39 -0.25
C GLU A 59 2.20 35.64 0.61
N VAL A 60 3.08 34.64 0.70
CA VAL A 60 4.27 34.70 1.54
C VAL A 60 5.49 34.57 0.65
N HIS A 61 6.64 34.91 1.21
CA HIS A 61 7.89 34.74 0.52
C HIS A 61 8.85 34.11 1.51
N ASN A 62 10.15 34.27 1.24
CA ASN A 62 11.20 33.69 2.07
C ASN A 62 10.97 32.17 2.20
N ALA A 63 10.59 31.56 1.08
CA ALA A 63 10.41 30.11 0.96
C ALA A 63 11.60 29.55 0.20
N LYS A 64 12.50 28.87 0.90
CA LYS A 64 13.69 28.34 0.26
C LYS A 64 13.24 27.26 -0.73
N THR A 65 13.26 27.60 -2.01
CA THR A 65 12.84 26.69 -3.06
C THR A 65 14.09 26.15 -3.74
N LYS A 66 14.18 24.83 -3.84
CA LYS A 66 15.44 24.22 -4.25
C LYS A 66 15.49 23.90 -5.75
N PRO A 67 16.69 23.88 -6.33
CA PRO A 67 16.81 23.54 -7.74
C PRO A 67 16.34 22.12 -8.00
N ARG A 68 15.78 21.92 -9.20
CA ARG A 68 15.21 20.60 -9.59
C ARG A 68 16.30 19.54 -9.63
N GLU A 69 15.92 18.32 -9.25
CA GLU A 69 16.79 17.14 -9.27
C GLU A 69 16.18 16.07 -10.16
N GLU A 70 17.00 15.48 -11.04
CA GLU A 70 16.51 14.42 -11.92
C GLU A 70 16.42 13.12 -11.14
N GLN A 71 15.24 12.51 -11.13
CA GLN A 71 15.02 11.25 -10.44
C GLN A 71 15.52 10.07 -11.27
N TYR A 72 15.56 8.91 -10.63
CA TYR A 72 15.99 7.67 -11.30
C TYR A 72 15.08 7.35 -12.48
N ASN A 73 13.76 7.29 -12.23
CA ASN A 73 12.76 6.87 -13.21
C ASN A 73 12.61 7.87 -14.35
N SER A 74 13.53 8.83 -14.45
CA SER A 74 13.68 9.81 -15.50
C SER A 74 12.93 11.14 -15.29
N THR A 75 12.05 11.25 -14.27
CA THR A 75 11.33 12.51 -14.07
C THR A 75 12.14 13.51 -13.25
N TYR A 76 11.54 14.67 -13.01
CA TYR A 76 12.12 15.76 -12.22
C TYR A 76 11.28 15.97 -10.97
N ARG A 77 11.95 16.29 -9.86
CA ARG A 77 11.29 16.48 -8.59
C ARG A 77 11.75 17.80 -8.01
N VAL A 78 10.80 18.60 -7.52
CA VAL A 78 11.09 19.97 -7.10
C VAL A 78 10.39 20.22 -5.77
N VAL A 79 11.13 20.71 -4.80
CA VAL A 79 10.59 20.88 -3.46
C VAL A 79 10.81 22.32 -3.04
N SER A 80 9.77 22.90 -2.42
CA SER A 80 9.82 24.25 -1.84
C SER A 80 9.53 24.12 -0.35
N VAL A 81 10.30 24.82 0.49
CA VAL A 81 10.13 24.72 1.93
C VAL A 81 9.90 26.11 2.51
N LEU A 82 8.87 26.20 3.37
CA LEU A 82 8.42 27.44 3.97
C LEU A 82 8.61 27.33 5.48
N THR A 83 9.54 28.13 6.01
CA THR A 83 9.72 28.18 7.46
C THR A 83 8.48 28.76 8.07
N VAL A 84 8.08 28.19 9.19
CA VAL A 84 6.78 28.50 9.74
C VAL A 84 6.96 28.94 11.19
N LEU A 85 6.01 29.78 11.63
CA LEU A 85 5.98 30.33 12.98
C LEU A 85 5.28 29.35 13.93
N HIS A 86 5.97 29.00 15.03
CA HIS A 86 5.44 28.02 15.98
C HIS A 86 4.03 28.38 16.38
N GLN A 87 3.83 29.64 16.78
CA GLN A 87 2.51 30.05 17.24
C GLN A 87 1.49 29.94 16.12
N ASP A 88 1.85 30.42 14.92
CA ASP A 88 0.96 30.30 13.76
C ASP A 88 0.53 28.85 13.54
N TRP A 89 1.46 27.92 13.59
CA TRP A 89 1.02 26.55 13.39
C TRP A 89 0.13 26.14 14.52
N LEU A 90 0.57 26.41 15.77
CA LEU A 90 -0.10 25.85 16.93
C LEU A 90 -1.50 26.41 17.08
N ASN A 91 -1.72 27.63 16.60
CA ASN A 91 -3.02 28.27 16.67
C ASN A 91 -3.97 27.77 15.60
N GLY A 92 -3.48 27.05 14.60
CA GLY A 92 -4.34 26.47 13.61
C GLY A 92 -4.42 27.21 12.30
N LYS A 93 -3.49 28.12 12.03
CA LYS A 93 -3.34 28.69 10.70
C LYS A 93 -3.20 27.60 9.63
N GLU A 94 -3.93 27.75 8.53
CA GLU A 94 -3.90 26.79 7.42
C GLU A 94 -2.89 27.26 6.38
N TYR A 95 -2.04 26.35 5.95
CA TYR A 95 -0.98 26.64 5.02
C TYR A 95 -1.31 26.00 3.67
N LYS A 96 -0.88 26.64 2.59
CA LYS A 96 -1.35 26.24 1.28
C LYS A 96 -0.31 26.45 0.22
N CYS A 97 -0.14 25.44 -0.61
CA CYS A 97 0.81 25.48 -1.70
C CYS A 97 0.02 25.44 -3.00
N LYS A 98 0.27 26.43 -3.87
CA LYS A 98 -0.21 26.43 -5.25
C LYS A 98 0.99 26.26 -6.16
N VAL A 99 0.86 25.38 -7.14
CA VAL A 99 1.94 25.14 -8.09
C VAL A 99 1.38 25.27 -9.49
N SER A 100 2.13 25.94 -10.33
CA SER A 100 1.72 26.21 -11.69
C SER A 100 2.80 25.69 -12.62
N ASN A 101 2.35 25.24 -13.80
CA ASN A 101 3.23 24.67 -14.80
C ASN A 101 2.54 24.57 -16.15
N LYS A 102 3.34 24.57 -17.22
CA LYS A 102 2.82 24.57 -18.58
C LYS A 102 2.00 23.32 -18.88
N ALA A 103 2.36 22.18 -18.27
CA ALA A 103 1.66 20.92 -18.51
C ALA A 103 0.39 20.79 -17.68
N LEU A 104 0.02 21.84 -16.97
CA LEU A 104 -1.13 21.81 -16.10
C LEU A 104 -2.25 22.65 -16.67
N PRO A 105 -3.49 22.14 -16.74
CA PRO A 105 -4.60 23.01 -17.13
C PRO A 105 -4.76 24.18 -16.15
N ALA A 106 -5.07 23.86 -14.90
CA ALA A 106 -5.18 24.82 -13.82
C ALA A 106 -4.11 24.54 -12.78
N PRO A 107 -3.63 25.55 -12.06
CA PRO A 107 -2.64 25.28 -11.02
C PRO A 107 -3.26 24.40 -9.96
N ILE A 108 -2.40 23.57 -9.28
CA ILE A 108 -2.84 22.63 -8.24
C ILE A 108 -2.65 23.27 -6.87
N GLU A 109 -3.57 23.01 -5.96
CA GLU A 109 -3.46 23.56 -4.61
C GLU A 109 -3.73 22.53 -3.53
N LYS A 110 -2.91 22.54 -2.51
CA LYS A 110 -3.15 21.71 -1.34
C LYS A 110 -3.06 22.55 -0.07
N THR A 111 -3.80 22.11 0.96
CA THR A 111 -3.81 22.79 2.26
C THR A 111 -3.63 21.84 3.42
N ILE A 112 -2.73 22.18 4.35
CA ILE A 112 -2.63 21.47 5.64
C ILE A 112 -2.72 22.45 6.80
N SER A 113 -2.97 21.89 7.98
CA SER A 113 -3.11 22.67 9.19
C SER A 113 -3.11 21.70 10.36
N LYS A 114 -2.83 22.22 11.55
CA LYS A 114 -2.87 21.38 12.74
C LYS A 114 -4.28 20.83 12.90
N ALA A 115 -4.35 19.56 13.32
CA ALA A 115 -5.61 18.91 13.61
C ALA A 115 -6.49 19.77 14.49
N LYS A 116 -7.72 19.99 14.04
CA LYS A 116 -8.66 20.77 14.82
C LYS A 116 -9.05 20.02 16.08
N GLY A 117 -9.47 20.78 17.08
CA GLY A 117 -9.96 20.21 18.33
C GLY A 117 -9.37 20.90 19.54
N GLN A 118 -10.10 20.83 20.65
CA GLN A 118 -9.68 21.45 21.90
C GLN A 118 -8.53 20.68 22.51
N PRO A 119 -7.35 21.28 22.67
CA PRO A 119 -6.20 20.55 23.23
C PRO A 119 -6.46 20.08 24.64
N ARG A 120 -5.85 18.96 25.01
CA ARG A 120 -6.01 18.36 26.33
C ARG A 120 -4.68 17.82 26.82
N GLU A 121 -4.28 18.23 28.01
CA GLU A 121 -3.01 17.89 28.61
C GLU A 121 -2.91 16.39 28.86
N PRO A 122 -1.77 15.77 28.58
CA PRO A 122 -1.57 14.36 28.90
C PRO A 122 -1.07 14.14 30.32
N GLN A 123 -1.53 13.04 30.91
CA GLN A 123 -1.04 12.52 32.17
C GLN A 123 0.03 11.48 31.89
N VAL A 124 1.16 11.61 32.57
CA VAL A 124 2.32 10.75 32.38
C VAL A 124 2.55 9.93 33.64
N TYR A 125 2.61 8.62 33.50
CA TYR A 125 2.80 7.70 34.62
C TYR A 125 3.90 6.71 34.32
N THR A 126 4.82 6.51 35.26
CA THR A 126 5.84 5.48 35.11
C THR A 126 5.42 4.25 35.86
N LEU A 127 5.49 3.11 35.20
CA LEU A 127 5.19 1.82 35.77
C LEU A 127 6.44 0.96 35.84
N PRO A 128 6.84 0.51 37.03
CA PRO A 128 8.05 -0.30 37.16
C PRO A 128 7.81 -1.69 36.61
N PRO A 129 8.84 -2.52 36.46
CA PRO A 129 8.62 -3.90 36.00
C PRO A 129 7.76 -4.69 36.96
N SER A 130 7.05 -5.70 36.42
CA SER A 130 6.24 -6.59 37.24
C SER A 130 7.14 -7.56 38.00
N ARG A 131 6.59 -8.11 39.10
CA ARG A 131 7.35 -9.03 39.94
C ARG A 131 7.84 -10.22 39.14
N ASP A 132 6.97 -10.83 38.32
CA ASP A 132 7.38 -12.04 37.61
C ASP A 132 8.38 -11.73 36.51
N GLU A 133 8.42 -10.49 36.03
CA GLU A 133 9.42 -10.17 35.03
C GLU A 133 10.81 -10.18 35.64
N LEU A 134 10.93 -9.72 36.91
CA LEU A 134 12.19 -9.73 37.62
C LEU A 134 12.63 -11.17 37.80
N THR A 135 13.27 -11.73 36.77
CA THR A 135 13.76 -13.10 36.73
C THR A 135 14.61 -13.25 35.48
N LYS A 136 14.03 -12.81 34.36
CA LYS A 136 14.75 -12.67 33.11
C LYS A 136 15.96 -11.75 33.32
N ASN A 137 16.82 -11.68 32.32
CA ASN A 137 17.97 -10.83 32.51
C ASN A 137 17.74 -9.44 31.96
N GLN A 138 16.63 -9.22 31.27
CA GLN A 138 16.19 -7.91 30.83
C GLN A 138 14.82 -7.63 31.43
N VAL A 139 14.55 -6.36 31.72
CA VAL A 139 13.31 -5.91 32.36
C VAL A 139 12.75 -4.75 31.55
N SER A 140 11.47 -4.46 31.78
CA SER A 140 10.70 -3.52 30.99
C SER A 140 10.18 -2.40 31.87
N LEU A 141 10.50 -1.17 31.51
CA LEU A 141 10.03 0.01 32.21
C LEU A 141 8.96 0.63 31.34
N THR A 142 7.81 0.94 31.91
CA THR A 142 6.70 1.43 31.13
C THR A 142 6.44 2.90 31.44
N CYS A 143 5.98 3.59 30.41
CA CYS A 143 5.57 4.98 30.53
C CYS A 143 4.22 5.09 29.87
N LEU A 144 3.20 5.41 30.66
CA LEU A 144 1.83 5.53 30.16
C LEU A 144 1.55 7.00 29.97
N VAL A 145 1.27 7.40 28.73
CA VAL A 145 0.87 8.77 28.45
C VAL A 145 -0.57 8.73 28.00
N LYS A 146 -1.48 9.34 28.74
CA LYS A 146 -2.91 9.21 28.43
C LYS A 146 -3.63 10.54 28.48
N GLY A 147 -4.80 10.59 27.86
CA GLY A 147 -5.67 11.75 27.96
C GLY A 147 -5.13 12.98 27.24
N PHE A 148 -4.60 12.85 26.02
CA PHE A 148 -4.05 13.98 25.32
C PHE A 148 -4.66 14.17 23.93
N TYR A 149 -4.61 15.42 23.47
CA TYR A 149 -5.18 15.77 22.19
C TYR A 149 -4.49 17.05 21.75
N PRO A 150 -4.08 17.16 20.49
CA PRO A 150 -4.19 16.14 19.45
C PRO A 150 -3.18 15.02 19.62
N SER A 151 -3.06 14.16 18.61
CA SER A 151 -2.15 13.03 18.69
C SER A 151 -0.69 13.40 18.49
N ASP A 152 -0.38 14.64 18.12
CA ASP A 152 1.00 15.06 17.86
C ASP A 152 1.79 15.14 19.17
N ILE A 153 2.77 14.25 19.34
CA ILE A 153 3.45 14.09 20.62
C ILE A 153 4.85 13.55 20.39
N ALA A 154 5.76 13.83 21.32
CA ALA A 154 7.08 13.22 21.30
C ALA A 154 7.38 12.59 22.65
N VAL A 155 8.02 11.42 22.64
CA VAL A 155 8.29 10.69 23.87
C VAL A 155 9.70 10.15 23.86
N GLU A 156 10.44 10.38 24.93
CA GLU A 156 11.83 9.93 24.99
C GLU A 156 12.16 9.43 26.40
N TRP A 157 13.30 8.76 26.49
CA TRP A 157 13.77 8.14 27.70
C TRP A 157 15.20 8.57 27.95
N GLU A 158 15.54 8.65 29.21
CA GLU A 158 16.75 9.33 29.62
C GLU A 158 17.33 8.66 30.84
N SER A 159 18.64 8.69 30.95
CA SER A 159 19.26 8.24 32.20
C SER A 159 20.62 8.90 32.34
N ASN A 160 20.81 9.60 33.46
CA ASN A 160 22.08 10.25 33.77
C ASN A 160 22.61 11.00 32.57
N GLY A 161 21.72 11.79 31.96
CA GLY A 161 22.13 12.67 30.89
C GLY A 161 21.97 11.99 29.55
N GLN A 162 22.65 10.87 29.36
CA GLN A 162 22.63 10.20 28.07
C GLN A 162 21.21 9.74 27.77
N PRO A 163 20.75 9.87 26.53
CA PRO A 163 19.43 9.33 26.18
C PRO A 163 19.50 7.82 26.02
N GLU A 164 18.47 7.16 26.53
CA GLU A 164 18.42 5.72 26.42
C GLU A 164 17.91 5.30 25.07
N ASN A 165 18.32 4.12 24.59
CA ASN A 165 17.92 3.79 23.19
C ASN A 165 17.10 2.51 23.03
N ASN A 166 17.17 1.56 23.96
CA ASN A 166 16.45 0.33 23.77
C ASN A 166 15.03 0.52 24.28
N TYR A 167 14.33 1.43 23.60
CA TYR A 167 12.93 1.68 23.90
C TYR A 167 12.11 1.74 22.63
N LYS A 168 10.84 1.41 22.79
CA LYS A 168 9.90 1.38 21.70
C LYS A 168 8.61 2.01 22.20
N THR A 169 7.98 2.80 21.35
CA THR A 169 6.72 3.45 21.72
C THR A 169 5.62 2.96 20.81
N THR A 170 4.43 2.81 21.36
CA THR A 170 3.30 2.46 20.53
C THR A 170 2.76 3.71 19.83
N PRO A 171 1.99 3.52 18.78
CA PRO A 171 1.34 4.65 18.15
C PRO A 171 0.24 5.13 19.05
N PRO A 172 -0.23 6.36 18.87
CA PRO A 172 -1.35 6.83 19.71
C PRO A 172 -2.55 5.96 19.47
N VAL A 173 -3.42 5.86 20.47
CA VAL A 173 -4.63 5.05 20.36
C VAL A 173 -5.81 5.87 20.88
N LEU A 174 -6.86 5.93 20.09
CA LEU A 174 -8.07 6.67 20.42
C LEU A 174 -8.72 6.06 21.65
N ASP A 175 -8.74 6.83 22.73
CA ASP A 175 -9.39 6.38 23.94
C ASP A 175 -10.90 6.62 23.83
N SER A 176 -11.63 6.07 24.80
CA SER A 176 -13.08 6.11 24.74
C SER A 176 -13.61 7.55 24.83
N ASP A 177 -12.91 8.45 25.53
CA ASP A 177 -13.38 9.80 25.75
C ASP A 177 -13.02 10.77 24.62
N GLY A 178 -12.52 10.26 23.49
CA GLY A 178 -12.06 11.10 22.40
C GLY A 178 -10.61 11.52 22.49
N SER A 179 -9.94 11.24 23.61
CA SER A 179 -8.53 11.53 23.77
C SER A 179 -7.68 10.34 23.32
N PHE A 180 -6.38 10.56 23.27
CA PHE A 180 -5.47 9.51 22.85
C PHE A 180 -4.66 9.02 24.03
N PHE A 181 -4.02 7.89 23.84
CA PHE A 181 -3.07 7.42 24.84
C PHE A 181 -2.04 6.56 24.13
N LEU A 182 -0.88 6.40 24.76
CA LEU A 182 0.15 5.53 24.24
C LEU A 182 0.99 5.02 25.40
N TYR A 183 1.82 4.03 25.08
CA TYR A 183 2.74 3.40 26.01
C TYR A 183 4.14 3.46 25.45
N SER A 184 5.14 3.64 26.30
CA SER A 184 6.53 3.52 25.89
C SER A 184 7.23 2.50 26.77
N LYS A 185 7.88 1.53 26.14
CA LYS A 185 8.53 0.40 26.82
C LYS A 185 10.02 0.51 26.63
N LEU A 186 10.75 0.65 27.73
CA LEU A 186 12.20 0.73 27.75
C LEU A 186 12.73 -0.57 28.32
N THR A 187 13.59 -1.25 27.56
CA THR A 187 14.19 -2.51 27.99
C THR A 187 15.58 -2.23 28.56
N VAL A 188 15.82 -2.63 29.80
CA VAL A 188 17.13 -2.45 30.41
C VAL A 188 17.59 -3.77 31.01
N ASP A 189 18.90 -3.87 31.24
CA ASP A 189 19.45 -5.05 31.92
C ASP A 189 19.00 -5.07 33.37
N LYS A 190 18.75 -6.28 33.90
CA LYS A 190 18.22 -6.39 35.25
C LYS A 190 19.13 -5.73 36.27
N SER A 191 20.46 -5.93 36.12
CA SER A 191 21.42 -5.31 37.03
C SER A 191 21.17 -3.81 37.14
N ARG A 192 21.17 -3.10 35.99
CA ARG A 192 20.96 -1.65 36.02
C ARG A 192 19.75 -1.27 36.86
N TRP A 193 18.62 -1.98 36.67
CA TRP A 193 17.43 -1.71 37.48
C TRP A 193 17.68 -2.01 38.97
N GLN A 194 18.42 -3.07 39.28
CA GLN A 194 18.65 -3.42 40.68
C GLN A 194 19.71 -2.54 41.34
N GLN A 195 20.58 -1.92 40.55
CA GLN A 195 21.66 -1.09 41.10
C GLN A 195 21.13 0.22 41.62
N GLY A 196 19.96 0.65 41.15
CA GLY A 196 19.31 1.86 41.60
C GLY A 196 19.37 3.05 40.65
N ASN A 197 19.65 2.83 39.38
CA ASN A 197 19.69 3.90 38.40
C ASN A 197 18.32 4.55 38.25
N VAL A 198 18.30 5.83 37.98
CA VAL A 198 17.06 6.56 37.77
C VAL A 198 16.86 6.76 36.27
N PHE A 199 15.73 6.29 35.76
CA PHE A 199 15.37 6.46 34.37
C PHE A 199 14.23 7.47 34.28
N SER A 200 14.14 8.16 33.15
CA SER A 200 13.18 9.24 33.03
C SER A 200 12.48 9.20 31.70
N CYS A 201 11.18 9.44 31.76
CA CYS A 201 10.30 9.57 30.61
C CYS A 201 10.00 11.05 30.38
N SER A 202 10.50 11.59 29.28
CA SER A 202 10.17 12.97 28.89
C SER A 202 9.12 12.97 27.81
N VAL A 203 8.12 13.83 27.96
CA VAL A 203 7.04 13.94 27.00
C VAL A 203 6.94 15.39 26.54
N MET A 204 6.77 15.58 25.23
CA MET A 204 6.57 16.91 24.65
C MET A 204 5.22 16.93 23.98
N HIS A 205 4.43 17.95 24.29
CA HIS A 205 3.07 18.10 23.78
C HIS A 205 2.60 19.52 24.02
N GLU A 206 1.73 20.02 23.13
CA GLU A 206 1.41 21.43 23.19
C GLU A 206 0.53 21.76 24.38
N ALA A 207 -0.21 20.80 24.90
CA ALA A 207 -1.08 21.05 26.03
C ALA A 207 -0.35 20.95 27.37
N LEU A 208 0.95 20.70 27.34
CA LEU A 208 1.77 20.62 28.53
C LEU A 208 2.34 21.99 28.85
N HIS A 209 2.42 22.34 30.12
CA HIS A 209 3.06 23.58 30.49
C HIS A 209 4.51 23.55 30.02
N ASN A 210 4.90 24.56 29.25
CA ASN A 210 6.21 24.64 28.63
C ASN A 210 6.42 23.56 27.58
N HIS A 211 5.34 22.98 27.07
CA HIS A 211 5.39 21.87 26.10
C HIS A 211 6.29 20.73 26.59
N TYR A 212 6.49 20.56 27.88
CA TYR A 212 7.41 19.51 28.30
C TYR A 212 7.14 19.07 29.74
N THR A 213 7.17 17.76 29.96
CA THR A 213 7.10 17.20 31.30
C THR A 213 8.02 16.00 31.37
N GLN A 214 8.52 15.71 32.57
CA GLN A 214 9.43 14.61 32.78
C GLN A 214 9.00 13.87 34.02
N LYS A 215 8.87 12.55 33.92
CA LYS A 215 8.56 11.70 35.08
C LYS A 215 9.71 10.72 35.31
N SER A 216 10.12 10.57 36.57
CA SER A 216 11.25 9.68 36.87
C SER A 216 10.76 8.33 37.39
N LEU A 217 11.66 7.35 37.39
CA LEU A 217 11.32 5.97 37.75
C LEU A 217 12.58 5.27 38.21
N SER A 218 12.55 4.76 39.43
CA SER A 218 13.70 4.09 40.01
C SER A 218 13.21 2.98 40.92
N LEU A 219 14.12 2.07 41.24
CA LEU A 219 13.86 0.98 42.17
C LEU A 219 13.48 1.50 43.55
N SER A 220 12.22 1.31 43.92
CA SER A 220 11.75 1.77 45.21
C SER A 220 12.37 0.95 46.34
N PRO B 8 -17.56 8.10 -11.71
CA PRO B 8 -16.77 6.87 -11.59
C PRO B 8 -16.39 6.31 -12.97
N GLU B 9 -15.25 6.74 -13.50
CA GLU B 9 -14.89 6.29 -14.84
C GLU B 9 -14.40 4.84 -14.83
N LEU B 10 -13.76 4.39 -13.75
CA LEU B 10 -13.47 2.96 -13.53
C LEU B 10 -12.66 2.37 -14.68
N LEU B 11 -11.65 3.12 -15.12
CA LEU B 11 -10.89 2.72 -16.30
C LEU B 11 -10.20 1.39 -16.10
N GLY B 12 -9.60 1.17 -14.92
CA GLY B 12 -8.83 -0.04 -14.74
C GLY B 12 -9.62 -1.24 -14.25
N GLY B 13 -10.94 -1.16 -14.16
CA GLY B 13 -11.73 -2.25 -13.63
C GLY B 13 -11.58 -2.51 -12.13
N PRO B 14 -12.13 -3.64 -11.66
CA PRO B 14 -12.19 -3.92 -10.22
C PRO B 14 -10.84 -4.08 -9.56
N SER B 15 -10.90 -4.01 -8.24
CA SER B 15 -9.78 -4.30 -7.38
C SER B 15 -10.17 -5.42 -6.42
N VAL B 16 -9.16 -6.14 -5.96
CA VAL B 16 -9.41 -7.29 -5.10
C VAL B 16 -8.56 -7.16 -3.83
N PHE B 17 -9.14 -7.58 -2.71
CA PHE B 17 -8.45 -7.56 -1.43
C PHE B 17 -8.74 -8.83 -0.67
N LEU B 18 -7.70 -9.45 -0.16
CA LEU B 18 -7.78 -10.72 0.54
C LEU B 18 -7.49 -10.51 2.02
N PHE B 19 -8.35 -11.06 2.88
CA PHE B 19 -8.32 -10.83 4.32
C PHE B 19 -8.23 -12.12 5.11
N PRO B 20 -7.34 -12.16 6.09
CA PRO B 20 -7.12 -13.36 6.88
C PRO B 20 -8.21 -13.59 7.91
N PRO B 21 -8.25 -14.75 8.54
CA PRO B 21 -9.22 -14.95 9.63
C PRO B 21 -8.80 -14.15 10.83
N LYS B 22 -9.78 -13.81 11.64
CA LYS B 22 -9.52 -13.12 12.89
C LYS B 22 -8.81 -14.07 13.86
N PRO B 23 -7.80 -13.59 14.59
CA PRO B 23 -6.98 -14.50 15.43
C PRO B 23 -7.79 -15.42 16.33
N LYS B 24 -8.84 -14.86 16.95
CA LYS B 24 -9.64 -15.69 17.83
C LYS B 24 -10.31 -16.83 17.07
N ASP B 25 -10.68 -16.59 15.81
CA ASP B 25 -11.40 -17.62 15.07
C ASP B 25 -10.51 -18.82 14.77
N THR B 26 -9.20 -18.62 14.66
CA THR B 26 -8.29 -19.74 14.39
C THR B 26 -7.72 -20.36 15.64
N LEU B 27 -7.93 -19.75 16.83
CA LEU B 27 -7.40 -20.34 18.05
C LEU B 27 -8.39 -21.21 18.81
N MET B 28 -9.67 -21.24 18.46
CA MET B 28 -10.67 -21.98 19.22
C MET B 28 -11.46 -22.89 18.31
N ILE B 29 -11.57 -24.16 18.67
CA ILE B 29 -12.24 -25.18 17.81
C ILE B 29 -13.71 -24.84 17.59
N SER B 30 -14.36 -24.20 18.55
CA SER B 30 -15.77 -23.92 18.42
C SER B 30 -16.05 -22.69 17.54
N ARG B 31 -15.03 -21.93 17.19
CA ARG B 31 -15.22 -20.80 16.31
C ARG B 31 -14.86 -21.18 14.87
N THR B 32 -15.40 -20.44 13.90
CA THR B 32 -15.21 -20.78 12.49
C THR B 32 -14.31 -19.74 11.84
N PRO B 33 -13.08 -20.06 11.45
CA PRO B 33 -12.25 -19.05 10.81
C PRO B 33 -12.56 -19.00 9.33
N GLU B 34 -12.30 -17.83 8.73
CA GLU B 34 -12.69 -17.58 7.35
C GLU B 34 -11.71 -16.63 6.68
N VAL B 35 -11.41 -16.94 5.43
CA VAL B 35 -10.68 -16.06 4.56
C VAL B 35 -11.71 -15.34 3.72
N THR B 36 -11.51 -14.04 3.47
CA THR B 36 -12.53 -13.31 2.72
C THR B 36 -11.87 -12.52 1.59
N CYS B 37 -12.44 -12.65 0.41
CA CYS B 37 -11.98 -11.98 -0.80
C CYS B 37 -13.01 -10.93 -1.14
N VAL B 38 -12.61 -9.67 -1.10
CA VAL B 38 -13.53 -8.57 -1.40
C VAL B 38 -13.11 -7.95 -2.74
N VAL B 39 -14.10 -7.77 -3.63
CA VAL B 39 -13.92 -7.12 -4.93
C VAL B 39 -14.66 -5.79 -4.90
N VAL B 40 -13.90 -4.71 -5.05
CA VAL B 40 -14.45 -3.37 -5.14
C VAL B 40 -14.31 -2.85 -6.57
N ASP B 41 -15.00 -1.73 -6.83
CA ASP B 41 -14.99 -1.08 -8.14
C ASP B 41 -15.47 -2.03 -9.23
N VAL B 42 -16.67 -2.56 -9.05
CA VAL B 42 -17.28 -3.45 -10.03
C VAL B 42 -18.34 -2.67 -10.77
N SER B 43 -18.11 -2.47 -12.07
CA SER B 43 -19.01 -1.64 -12.87
C SER B 43 -20.42 -2.21 -12.86
N HIS B 44 -21.40 -1.34 -13.01
CA HIS B 44 -22.77 -1.76 -13.12
C HIS B 44 -23.12 -2.31 -14.51
N GLU B 45 -22.33 -1.96 -15.52
CA GLU B 45 -22.56 -2.41 -16.88
C GLU B 45 -22.11 -3.85 -17.06
N ASP B 46 -20.85 -4.14 -16.71
CA ASP B 46 -20.31 -5.49 -16.74
C ASP B 46 -20.02 -5.95 -15.33
N PRO B 47 -20.96 -6.68 -14.69
CA PRO B 47 -20.88 -6.88 -13.24
C PRO B 47 -20.69 -8.32 -12.80
N GLU B 48 -20.72 -9.26 -13.73
CA GLU B 48 -20.50 -10.65 -13.35
C GLU B 48 -19.13 -10.78 -12.72
N VAL B 49 -19.04 -11.48 -11.59
CA VAL B 49 -17.76 -11.72 -10.94
C VAL B 49 -17.67 -13.20 -10.60
N LYS B 50 -16.65 -13.87 -11.14
CA LYS B 50 -16.44 -15.28 -10.86
C LYS B 50 -15.29 -15.43 -9.89
N PHE B 51 -15.49 -16.28 -8.88
CA PHE B 51 -14.50 -16.55 -7.84
C PHE B 51 -13.96 -17.97 -7.96
N ASN B 52 -12.65 -18.09 -7.99
CA ASN B 52 -12.01 -19.38 -7.91
C ASN B 52 -11.13 -19.37 -6.68
N TRP B 53 -11.19 -20.44 -5.91
CA TRP B 53 -10.48 -20.51 -4.64
C TRP B 53 -9.54 -21.69 -4.66
N TYR B 54 -8.30 -21.46 -4.27
CA TYR B 54 -7.31 -22.53 -4.20
C TYR B 54 -6.73 -22.64 -2.80
N VAL B 55 -6.56 -23.86 -2.32
CA VAL B 55 -5.96 -24.13 -1.02
C VAL B 55 -4.64 -24.83 -1.28
N ASP B 56 -3.54 -24.07 -1.13
CA ASP B 56 -2.20 -24.54 -1.45
C ASP B 56 -2.13 -25.06 -2.89
N GLY B 57 -2.79 -24.37 -3.83
CA GLY B 57 -2.72 -24.78 -5.22
C GLY B 57 -3.72 -25.82 -5.67
N VAL B 58 -4.74 -26.12 -4.86
CA VAL B 58 -5.77 -27.09 -5.19
C VAL B 58 -7.13 -26.41 -5.18
N GLU B 59 -7.93 -26.61 -6.21
CA GLU B 59 -9.24 -25.97 -6.25
C GLU B 59 -10.16 -26.50 -5.16
N VAL B 60 -11.00 -25.60 -4.62
CA VAL B 60 -11.94 -25.88 -3.54
C VAL B 60 -13.26 -25.18 -3.85
N HIS B 61 -14.38 -25.86 -3.62
CA HIS B 61 -15.66 -25.30 -4.03
C HIS B 61 -16.64 -25.12 -2.89
N ASN B 62 -16.19 -25.10 -1.64
CA ASN B 62 -17.17 -24.95 -0.59
C ASN B 62 -17.32 -23.50 -0.15
N ALA B 63 -16.83 -22.55 -0.95
CA ALA B 63 -16.93 -21.14 -0.57
C ALA B 63 -18.37 -20.63 -0.74
N LYS B 64 -18.62 -19.43 -0.22
CA LYS B 64 -19.96 -18.84 -0.21
C LYS B 64 -19.84 -17.40 -0.69
N THR B 65 -20.61 -17.05 -1.73
CA THR B 65 -20.55 -15.74 -2.35
C THR B 65 -21.75 -14.93 -1.95
N LYS B 66 -21.52 -13.74 -1.40
CA LYS B 66 -22.56 -12.81 -1.02
C LYS B 66 -23.13 -12.12 -2.27
N PRO B 67 -24.34 -11.60 -2.19
CA PRO B 67 -24.90 -10.89 -3.35
C PRO B 67 -24.23 -9.54 -3.46
N ARG B 68 -24.09 -9.10 -4.69
CA ARG B 68 -23.52 -7.80 -4.95
C ARG B 68 -24.24 -6.70 -4.18
N GLU B 69 -23.46 -5.76 -3.63
CA GLU B 69 -24.02 -4.63 -2.90
C GLU B 69 -23.62 -3.32 -3.59
N GLU B 70 -24.59 -2.43 -3.78
CA GLU B 70 -24.35 -1.11 -4.36
C GLU B 70 -23.75 -0.16 -3.32
N GLN B 71 -22.60 0.44 -3.62
CA GLN B 71 -21.96 1.45 -2.77
C GLN B 71 -22.53 2.83 -3.07
N TYR B 72 -22.11 3.83 -2.28
CA TYR B 72 -22.57 5.20 -2.54
C TYR B 72 -21.96 5.77 -3.81
N ASN B 73 -20.72 5.37 -4.15
CA ASN B 73 -20.08 5.87 -5.36
C ASN B 73 -20.58 5.18 -6.62
N SER B 74 -21.69 4.44 -6.52
CA SER B 74 -22.35 3.79 -7.63
C SER B 74 -21.52 2.69 -8.26
N THR B 75 -20.57 2.15 -7.52
CA THR B 75 -19.87 0.95 -7.91
C THR B 75 -20.52 -0.24 -7.19
N TYR B 76 -19.92 -1.38 -7.33
CA TYR B 76 -20.45 -2.55 -6.67
C TYR B 76 -19.44 -3.05 -5.65
N ARG B 77 -19.85 -4.08 -4.91
CA ARG B 77 -18.96 -4.72 -3.94
C ARG B 77 -19.39 -6.18 -3.87
N VAL B 78 -18.52 -7.08 -4.29
CA VAL B 78 -18.82 -8.51 -4.24
C VAL B 78 -17.87 -9.13 -3.23
N VAL B 79 -18.38 -10.05 -2.44
CA VAL B 79 -17.59 -10.67 -1.39
C VAL B 79 -17.71 -12.19 -1.53
N SER B 80 -16.58 -12.90 -1.45
CA SER B 80 -16.58 -14.34 -1.28
C SER B 80 -15.85 -14.74 0.00
N VAL B 81 -16.48 -15.56 0.85
CA VAL B 81 -15.85 -16.00 2.11
C VAL B 81 -15.62 -17.51 2.07
N LEU B 82 -14.39 -17.93 2.33
CA LEU B 82 -14.04 -19.34 2.40
C LEU B 82 -13.73 -19.72 3.85
N THR B 83 -14.57 -20.56 4.46
CA THR B 83 -14.23 -21.04 5.80
C THR B 83 -13.08 -22.01 5.70
N VAL B 84 -12.12 -21.87 6.62
CA VAL B 84 -10.90 -22.64 6.59
C VAL B 84 -10.90 -23.56 7.80
N LEU B 85 -10.02 -24.54 7.74
CA LEU B 85 -9.78 -25.47 8.83
C LEU B 85 -8.73 -24.86 9.69
N HIS B 86 -8.86 -25.03 11.01
CA HIS B 86 -7.94 -24.44 11.97
C HIS B 86 -6.53 -24.88 11.70
N GLN B 87 -6.34 -26.20 11.56
CA GLN B 87 -5.02 -26.75 11.31
C GLN B 87 -4.48 -26.28 9.98
N ASP B 88 -5.36 -26.05 8.99
CA ASP B 88 -4.86 -25.57 7.71
C ASP B 88 -4.22 -24.21 7.86
N TRP B 89 -4.92 -23.30 8.55
CA TRP B 89 -4.33 -21.98 8.68
C TRP B 89 -3.11 -22.02 9.59
N LEU B 90 -3.20 -22.73 10.71
CA LEU B 90 -2.10 -22.75 11.66
C LEU B 90 -0.88 -23.48 11.12
N ASN B 91 -1.06 -24.44 10.21
CA ASN B 91 0.00 -25.21 9.60
C ASN B 91 0.58 -24.57 8.34
N GLY B 92 0.09 -23.42 7.90
CA GLY B 92 0.80 -22.64 6.92
C GLY B 92 0.35 -22.82 5.49
N LYS B 93 -0.77 -23.49 5.27
CA LYS B 93 -1.33 -23.65 3.95
C LYS B 93 -1.60 -22.30 3.31
N GLU B 94 -1.34 -22.19 2.01
CA GLU B 94 -1.52 -20.94 1.29
C GLU B 94 -2.94 -20.89 0.75
N TYR B 95 -3.56 -19.71 0.79
CA TYR B 95 -4.93 -19.49 0.33
C TYR B 95 -4.95 -18.48 -0.82
N LYS B 96 -5.60 -18.86 -1.93
CA LYS B 96 -5.54 -18.15 -3.20
C LYS B 96 -6.92 -17.80 -3.69
N CYS B 97 -7.14 -16.51 -3.94
CA CYS B 97 -8.36 -15.99 -4.54
C CYS B 97 -8.07 -15.59 -5.97
N LYS B 98 -8.86 -16.09 -6.91
CA LYS B 98 -8.80 -15.74 -8.33
C LYS B 98 -10.11 -15.09 -8.73
N VAL B 99 -10.04 -13.86 -9.26
CA VAL B 99 -11.23 -13.06 -9.57
C VAL B 99 -11.29 -12.80 -11.07
N SER B 100 -12.43 -13.14 -11.66
CA SER B 100 -12.67 -12.99 -13.09
C SER B 100 -13.80 -12.01 -13.31
N ASN B 101 -13.57 -11.07 -14.22
CA ASN B 101 -14.50 -10.00 -14.52
C ASN B 101 -14.37 -9.63 -15.99
N LYS B 102 -15.48 -9.15 -16.56
CA LYS B 102 -15.44 -8.75 -17.96
C LYS B 102 -14.57 -7.51 -18.17
N ALA B 103 -14.46 -6.62 -17.17
CA ALA B 103 -13.65 -5.41 -17.29
C ALA B 103 -12.19 -5.63 -16.91
N LEU B 104 -11.72 -6.88 -16.92
CA LEU B 104 -10.32 -7.20 -16.67
C LEU B 104 -9.74 -7.99 -17.84
N PRO B 105 -8.50 -7.69 -18.22
CA PRO B 105 -7.85 -8.45 -19.30
C PRO B 105 -7.52 -9.89 -18.91
N ALA B 106 -7.17 -10.13 -17.65
CA ALA B 106 -6.87 -11.43 -17.10
C ALA B 106 -7.40 -11.46 -15.68
N PRO B 107 -7.69 -12.64 -15.14
CA PRO B 107 -8.11 -12.70 -13.74
C PRO B 107 -7.02 -12.19 -12.81
N ILE B 108 -7.49 -11.59 -11.65
CA ILE B 108 -6.67 -11.07 -10.54
C ILE B 108 -6.42 -12.17 -9.52
N GLU B 109 -5.18 -12.29 -9.10
CA GLU B 109 -4.79 -13.34 -8.19
C GLU B 109 -4.14 -12.74 -6.95
N LYS B 110 -4.64 -13.11 -5.79
CA LYS B 110 -4.04 -12.71 -4.51
C LYS B 110 -3.93 -13.95 -3.64
N THR B 111 -2.84 -14.04 -2.88
CA THR B 111 -2.64 -15.15 -1.95
C THR B 111 -2.33 -14.61 -0.56
N ILE B 112 -2.77 -15.37 0.45
CA ILE B 112 -2.56 -15.03 1.85
C ILE B 112 -2.30 -16.30 2.64
N SER B 113 -1.54 -16.16 3.73
CA SER B 113 -1.20 -17.26 4.63
C SER B 113 -0.65 -16.69 5.93
N LYS B 114 -0.59 -17.54 6.96
CA LYS B 114 -0.05 -17.11 8.24
C LYS B 114 1.41 -16.77 8.07
N ALA B 115 1.85 -15.72 8.77
CA ALA B 115 3.23 -15.28 8.64
C ALA B 115 4.15 -16.43 8.97
N LYS B 116 5.30 -16.48 8.30
CA LYS B 116 6.23 -17.59 8.43
C LYS B 116 7.30 -17.24 9.46
N GLY B 117 7.73 -18.24 10.20
CA GLY B 117 8.77 -18.08 11.20
C GLY B 117 8.39 -18.78 12.50
N GLN B 118 9.40 -19.15 13.25
CA GLN B 118 9.19 -19.94 14.45
C GLN B 118 8.31 -19.20 15.44
N PRO B 119 7.14 -19.72 15.81
CA PRO B 119 6.30 -19.04 16.81
C PRO B 119 7.06 -18.85 18.10
N ARG B 120 6.74 -17.77 18.81
CA ARG B 120 7.38 -17.42 20.07
C ARG B 120 6.30 -17.15 21.10
N GLU B 121 6.41 -17.80 22.25
CA GLU B 121 5.36 -17.69 23.26
C GLU B 121 5.38 -16.30 23.89
N PRO B 122 4.24 -15.70 24.10
CA PRO B 122 4.19 -14.41 24.81
C PRO B 122 4.31 -14.52 26.32
N GLN B 123 5.15 -13.65 26.87
CA GLN B 123 5.15 -13.37 28.30
C GLN B 123 4.11 -12.31 28.56
N VAL B 124 3.23 -12.52 29.56
CA VAL B 124 2.21 -11.52 29.90
C VAL B 124 2.38 -11.07 31.35
N TYR B 125 2.31 -9.76 31.56
CA TYR B 125 2.59 -9.15 32.87
C TYR B 125 1.52 -8.13 33.22
N THR B 126 0.99 -8.23 34.43
CA THR B 126 0.00 -7.29 34.94
C THR B 126 0.72 -6.20 35.72
N LEU B 127 0.37 -4.96 35.46
CA LEU B 127 1.00 -3.79 36.05
C LEU B 127 -0.06 -2.97 36.78
N PRO B 128 0.13 -2.76 38.08
CA PRO B 128 -0.84 -2.00 38.89
C PRO B 128 -0.82 -0.52 38.54
N PRO B 129 -1.84 0.23 38.96
CA PRO B 129 -1.87 1.68 38.69
C PRO B 129 -0.70 2.40 39.35
N SER B 130 -0.15 3.42 38.67
CA SER B 130 0.89 4.24 39.27
C SER B 130 0.38 4.92 40.52
N ARG B 131 1.30 5.13 41.47
CA ARG B 131 0.96 5.81 42.71
C ARG B 131 0.22 7.10 42.41
N ASP B 132 0.75 7.88 41.47
CA ASP B 132 0.24 9.24 41.26
C ASP B 132 -1.09 9.23 40.52
N GLU B 133 -1.43 8.11 39.90
CA GLU B 133 -2.74 8.01 39.28
C GLU B 133 -3.81 7.76 40.33
N LEU B 134 -3.44 7.36 41.54
CA LEU B 134 -4.46 7.04 42.52
C LEU B 134 -5.16 8.29 43.08
N THR B 135 -4.70 9.49 42.74
CA THR B 135 -5.39 10.72 43.10
C THR B 135 -6.57 11.03 42.18
N LYS B 136 -6.81 10.25 41.13
CA LYS B 136 -7.89 10.48 40.19
C LYS B 136 -9.10 9.62 40.54
N ASN B 137 -10.22 9.87 39.88
CA ASN B 137 -11.42 9.07 40.13
C ASN B 137 -11.48 7.81 39.27
N GLN B 138 -10.58 7.66 38.32
CA GLN B 138 -10.48 6.44 37.50
C GLN B 138 -9.03 6.00 37.46
N VAL B 139 -8.80 4.69 37.36
CA VAL B 139 -7.48 4.08 37.44
C VAL B 139 -7.26 3.26 36.20
N SER B 140 -5.98 2.90 35.96
CA SER B 140 -5.55 2.22 34.74
C SER B 140 -4.77 0.93 35.05
N LEU B 141 -5.42 -0.22 34.92
CA LEU B 141 -4.75 -1.50 35.01
C LEU B 141 -4.06 -1.78 33.69
N THR B 142 -2.78 -2.11 33.71
CA THR B 142 -2.08 -2.35 32.46
C THR B 142 -1.71 -3.81 32.28
N CYS B 143 -1.72 -4.25 31.02
CA CYS B 143 -1.34 -5.60 30.68
C CYS B 143 -0.30 -5.55 29.58
N LEU B 144 0.89 -6.04 29.85
CA LEU B 144 1.99 -6.00 28.91
C LEU B 144 2.18 -7.40 28.35
N VAL B 145 2.02 -7.55 27.03
CA VAL B 145 2.18 -8.84 26.38
C VAL B 145 3.34 -8.74 25.43
N LYS B 146 4.49 -9.31 25.78
CA LYS B 146 5.68 -9.14 24.94
C LYS B 146 6.24 -10.48 24.47
N GLY B 147 7.17 -10.37 23.52
CA GLY B 147 7.94 -11.51 23.08
C GLY B 147 7.17 -12.55 22.28
N PHE B 148 6.18 -12.13 21.51
CA PHE B 148 5.35 -13.09 20.81
C PHE B 148 5.54 -12.94 19.30
N TYR B 149 5.30 -14.04 18.60
CA TYR B 149 5.37 -14.16 17.16
C TYR B 149 4.48 -15.32 16.75
N PRO B 150 3.65 -15.17 15.70
CA PRO B 150 3.47 -13.96 14.91
C PRO B 150 2.51 -13.04 15.59
N SER B 151 2.09 -11.97 14.90
CA SER B 151 1.40 -10.88 15.56
C SER B 151 -0.06 -11.18 15.82
N ASP B 152 -0.58 -12.30 15.32
CA ASP B 152 -1.96 -12.67 15.65
C ASP B 152 -2.07 -12.97 17.13
N ILE B 153 -2.91 -12.20 17.84
CA ILE B 153 -3.04 -12.34 19.29
C ILE B 153 -4.39 -11.76 19.68
N ALA B 154 -4.92 -12.23 20.79
CA ALA B 154 -6.17 -11.67 21.32
C ALA B 154 -6.00 -11.39 22.79
N VAL B 155 -6.60 -10.30 23.25
CA VAL B 155 -6.51 -9.94 24.66
C VAL B 155 -7.85 -9.46 25.15
N GLU B 156 -8.28 -10.00 26.28
CA GLU B 156 -9.55 -9.63 26.90
C GLU B 156 -9.34 -9.37 28.38
N TRP B 157 -10.33 -8.76 29.01
CA TRP B 157 -10.22 -8.44 30.42
C TRP B 157 -11.44 -8.95 31.14
N GLU B 158 -11.25 -9.31 32.39
CA GLU B 158 -12.35 -10.02 33.03
C GLU B 158 -12.26 -9.83 34.54
N SER B 159 -13.39 -9.65 35.20
CA SER B 159 -13.38 -9.60 36.65
C SER B 159 -14.52 -10.42 37.17
N ASN B 160 -14.25 -11.17 38.23
CA ASN B 160 -15.20 -12.04 38.90
C ASN B 160 -16.10 -12.79 37.90
N GLY B 161 -15.47 -13.43 36.92
CA GLY B 161 -16.25 -14.13 35.94
C GLY B 161 -16.70 -13.27 34.78
N GLN B 162 -17.32 -12.12 35.07
CA GLN B 162 -17.93 -11.35 34.00
C GLN B 162 -16.87 -10.54 33.23
N PRO B 163 -17.10 -10.31 31.93
CA PRO B 163 -16.04 -9.69 31.14
C PRO B 163 -15.98 -8.18 31.39
N GLU B 164 -14.83 -7.66 31.81
CA GLU B 164 -14.68 -6.21 31.95
C GLU B 164 -14.50 -5.66 30.57
N ASN B 165 -15.34 -4.70 30.15
CA ASN B 165 -15.27 -4.23 28.74
C ASN B 165 -14.55 -2.90 28.59
N ASN B 166 -14.71 -1.98 29.54
CA ASN B 166 -14.10 -0.64 29.39
C ASN B 166 -12.56 -0.71 29.31
N TYR B 167 -12.07 -1.11 28.13
CA TYR B 167 -10.65 -1.28 27.88
C TYR B 167 -10.31 -1.07 26.41
N LYS B 168 -9.02 -0.81 26.17
CA LYS B 168 -8.50 -0.64 24.82
C LYS B 168 -7.14 -1.29 24.72
N THR B 169 -6.83 -1.86 23.56
CA THR B 169 -5.59 -2.59 23.36
C THR B 169 -4.83 -1.98 22.21
N THR B 170 -3.55 -1.82 22.38
CA THR B 170 -2.80 -1.20 21.32
C THR B 170 -2.53 -2.22 20.22
N PRO B 171 -2.33 -1.76 18.99
CA PRO B 171 -1.91 -2.69 17.94
C PRO B 171 -0.59 -3.30 18.30
N PRO B 172 -0.30 -4.50 17.82
CA PRO B 172 1.02 -5.12 18.02
C PRO B 172 2.12 -4.19 17.54
N VAL B 173 3.27 -4.24 18.19
CA VAL B 173 4.41 -3.41 17.79
C VAL B 173 5.66 -4.27 17.69
N LEU B 174 6.49 -3.99 16.69
CA LEU B 174 7.67 -4.79 16.45
C LEU B 174 8.78 -4.45 17.44
N ASP B 175 9.35 -5.47 18.06
CA ASP B 175 10.43 -5.30 19.02
C ASP B 175 11.76 -5.28 18.28
N SER B 176 12.86 -5.11 19.04
CA SER B 176 14.17 -5.08 18.42
C SER B 176 14.70 -6.48 18.10
N ASP B 177 14.08 -7.54 18.65
CA ASP B 177 14.52 -8.91 18.42
C ASP B 177 13.63 -9.62 17.40
N GLY B 178 12.78 -8.87 16.69
CA GLY B 178 11.92 -9.42 15.67
C GLY B 178 10.59 -9.94 16.17
N SER B 179 10.41 -10.05 17.47
CA SER B 179 9.14 -10.40 18.10
C SER B 179 8.25 -9.17 18.26
N PHE B 180 7.02 -9.42 18.68
CA PHE B 180 6.07 -8.32 18.86
C PHE B 180 5.74 -8.16 20.34
N PHE B 181 5.18 -7.00 20.66
CA PHE B 181 4.67 -6.72 21.98
C PHE B 181 3.51 -5.75 21.87
N LEU B 182 2.56 -5.86 22.78
CA LEU B 182 1.49 -4.88 22.86
C LEU B 182 1.14 -4.61 24.31
N TYR B 183 0.34 -3.57 24.50
CA TYR B 183 -0.15 -3.20 25.81
C TYR B 183 -1.66 -3.18 25.76
N SER B 184 -2.28 -3.40 26.89
CA SER B 184 -3.70 -3.25 27.01
C SER B 184 -4.02 -2.49 28.27
N LYS B 185 -4.97 -1.57 28.21
CA LYS B 185 -5.27 -0.73 29.36
C LYS B 185 -6.74 -0.89 29.71
N LEU B 186 -7.01 -1.10 31.00
CA LEU B 186 -8.37 -1.23 31.51
C LEU B 186 -8.65 -0.09 32.49
N THR B 187 -9.65 0.72 32.20
CA THR B 187 -9.98 1.87 33.06
C THR B 187 -11.09 1.45 34.00
N VAL B 188 -10.84 1.56 35.30
CA VAL B 188 -11.89 1.23 36.25
C VAL B 188 -11.99 2.35 37.24
N ASP B 189 -13.12 2.42 37.90
CA ASP B 189 -13.29 3.41 38.94
C ASP B 189 -12.46 3.02 40.15
N LYS B 190 -11.81 4.03 40.76
CA LYS B 190 -10.84 3.78 41.81
C LYS B 190 -11.43 2.96 42.94
N SER B 191 -12.72 3.16 43.23
CA SER B 191 -13.34 2.41 44.31
C SER B 191 -13.19 0.91 44.09
N ARG B 192 -13.55 0.43 42.89
CA ARG B 192 -13.47 -0.99 42.60
C ARG B 192 -12.06 -1.53 42.78
N TRP B 193 -11.05 -0.76 42.36
CA TRP B 193 -9.69 -1.20 42.61
C TRP B 193 -9.34 -1.19 44.09
N GLN B 194 -9.93 -0.27 44.88
CA GLN B 194 -9.51 -0.11 46.28
C GLN B 194 -10.18 -1.11 47.22
N GLN B 195 -11.37 -1.58 46.86
CA GLN B 195 -12.03 -2.69 47.53
C GLN B 195 -11.07 -3.85 47.75
N GLY B 196 -10.72 -4.52 46.65
CA GLY B 196 -9.82 -5.65 46.63
C GLY B 196 -10.18 -6.58 45.49
N ASN B 197 -10.95 -6.08 44.55
CA ASN B 197 -11.41 -6.88 43.41
C ASN B 197 -10.22 -7.36 42.60
N VAL B 198 -10.38 -8.51 41.94
CA VAL B 198 -9.33 -9.05 41.07
C VAL B 198 -9.74 -8.83 39.62
N PHE B 199 -8.76 -8.46 38.81
CA PHE B 199 -8.99 -8.31 37.39
C PHE B 199 -8.03 -9.23 36.67
N SER B 200 -8.39 -9.63 35.45
CA SER B 200 -7.62 -10.64 34.74
C SER B 200 -7.47 -10.25 33.28
N CYS B 201 -6.23 -10.28 32.86
CA CYS B 201 -5.84 -10.20 31.47
C CYS B 201 -5.85 -11.61 30.92
N SER B 202 -6.62 -11.84 29.88
CA SER B 202 -6.61 -13.13 29.20
C SER B 202 -5.97 -12.94 27.84
N VAL B 203 -5.04 -13.82 27.49
CA VAL B 203 -4.35 -13.74 26.22
C VAL B 203 -4.53 -15.04 25.45
N MET B 204 -4.74 -14.91 24.14
CA MET B 204 -4.88 -16.04 23.21
C MET B 204 -3.87 -15.92 22.10
N HIS B 205 -3.10 -16.99 21.88
CA HIS B 205 -2.00 -17.03 20.95
C HIS B 205 -1.69 -18.48 20.66
N GLU B 206 -1.24 -18.75 19.44
CA GLU B 206 -0.99 -20.13 19.06
C GLU B 206 0.15 -20.73 19.87
N ALA B 207 1.15 -19.93 20.22
CA ALA B 207 2.31 -20.45 20.92
C ALA B 207 2.13 -20.53 22.43
N LEU B 208 0.95 -20.26 22.95
CA LEU B 208 0.68 -20.43 24.37
C LEU B 208 0.20 -21.85 24.60
N HIS B 209 0.56 -22.45 25.74
CA HIS B 209 0.02 -23.76 26.08
C HIS B 209 -1.49 -23.66 26.11
N ASN B 210 -2.16 -24.54 25.36
CA ASN B 210 -3.60 -24.57 25.24
C ASN B 210 -4.19 -23.31 24.64
N HIS B 211 -3.39 -22.54 23.90
CA HIS B 211 -3.79 -21.31 23.22
C HIS B 211 -4.27 -20.24 24.18
N TYR B 212 -3.96 -20.40 25.46
CA TYR B 212 -4.58 -19.43 26.37
C TYR B 212 -3.81 -19.32 27.67
N THR B 213 -3.64 -18.09 28.12
CA THR B 213 -3.09 -17.86 29.45
C THR B 213 -3.88 -16.76 30.14
N GLN B 214 -3.94 -16.82 31.47
CA GLN B 214 -4.67 -15.83 32.25
C GLN B 214 -3.80 -15.31 33.38
N LYS B 215 -3.69 -13.99 33.48
CA LYS B 215 -2.91 -13.37 34.53
C LYS B 215 -3.80 -12.44 35.32
N SER B 216 -3.77 -12.56 36.63
CA SER B 216 -4.60 -11.75 37.50
C SER B 216 -3.82 -10.54 38.04
N LEU B 217 -4.57 -9.62 38.64
CA LEU B 217 -4.00 -8.39 39.15
C LEU B 217 -4.94 -7.82 40.21
N SER B 218 -4.40 -7.56 41.40
CA SER B 218 -5.23 -7.03 42.48
C SER B 218 -4.37 -6.32 43.49
N LEU B 219 -5.04 -5.54 44.35
CA LEU B 219 -4.39 -4.81 45.43
C LEU B 219 -3.55 -5.75 46.29
N SER B 220 -2.25 -5.47 46.35
CA SER B 220 -1.31 -6.30 47.07
C SER B 220 -0.08 -5.47 47.44
N LEU C 7 3.89 -18.03 -61.89
CA LEU C 7 2.83 -17.13 -61.45
C LEU C 7 3.33 -16.43 -60.13
N PRO C 8 3.08 -15.13 -59.95
CA PRO C 8 3.53 -14.45 -58.71
C PRO C 8 2.98 -14.99 -57.41
N LYS C 9 3.80 -14.85 -56.37
CA LYS C 9 3.38 -15.27 -55.02
C LYS C 9 2.62 -14.12 -54.35
N ALA C 10 1.40 -14.39 -53.93
CA ALA C 10 0.63 -13.43 -53.16
C ALA C 10 1.33 -13.11 -51.84
N VAL C 11 0.94 -12.00 -51.22
CA VAL C 11 1.52 -11.58 -49.95
C VAL C 11 0.39 -11.07 -49.07
N VAL C 12 0.45 -11.42 -47.77
CA VAL C 12 -0.46 -10.91 -46.77
C VAL C 12 0.13 -9.64 -46.15
N PHE C 13 -0.76 -8.71 -45.82
CA PHE C 13 -0.39 -7.43 -45.25
C PHE C 13 -1.31 -7.18 -44.07
N LEU C 14 -0.76 -6.50 -43.07
CA LEU C 14 -1.39 -6.26 -41.79
C LEU C 14 -1.80 -4.81 -41.67
N GLU C 15 -3.06 -4.57 -41.35
CA GLU C 15 -3.62 -3.22 -41.19
C GLU C 15 -4.24 -3.13 -39.81
N PRO C 16 -3.67 -2.37 -38.86
CA PRO C 16 -2.35 -1.78 -39.01
C PRO C 16 -1.23 -2.79 -38.84
N GLN C 17 0.00 -2.31 -38.96
CA GLN C 17 1.16 -3.17 -39.20
C GLN C 17 1.82 -3.73 -37.97
N TRP C 18 1.07 -4.00 -36.92
CA TRP C 18 1.66 -4.52 -35.69
C TRP C 18 1.37 -6.01 -35.62
N TYR C 19 2.42 -6.82 -35.69
CA TYR C 19 2.22 -8.25 -35.57
C TYR C 19 2.02 -8.68 -34.12
N ARG C 20 2.19 -7.78 -33.16
CA ARG C 20 1.87 -8.03 -31.73
C ARG C 20 0.67 -7.18 -31.36
N VAL C 21 -0.46 -7.80 -31.03
CA VAL C 21 -1.68 -7.09 -30.66
C VAL C 21 -2.18 -7.61 -29.30
N LEU C 22 -3.16 -6.91 -28.71
CA LEU C 22 -3.72 -7.30 -27.41
C LEU C 22 -5.14 -7.80 -27.62
N GLU C 23 -5.62 -8.63 -26.70
CA GLU C 23 -6.97 -9.15 -26.85
C GLU C 23 -7.97 -8.02 -26.97
N LYS C 24 -8.93 -8.19 -27.87
CA LYS C 24 -9.99 -7.22 -28.24
C LYS C 24 -9.47 -6.19 -29.24
N ASP C 25 -8.21 -6.24 -29.64
CA ASP C 25 -7.71 -5.38 -30.70
C ASP C 25 -8.30 -5.79 -32.04
N SER C 26 -8.48 -4.81 -32.92
CA SER C 26 -8.97 -5.06 -34.28
C SER C 26 -7.80 -5.18 -35.24
N VAL C 27 -7.92 -6.09 -36.17
CA VAL C 27 -6.83 -6.32 -37.10
C VAL C 27 -7.42 -6.61 -38.46
N THR C 28 -6.71 -6.17 -39.51
CA THR C 28 -7.21 -6.37 -40.90
C THR C 28 -6.09 -6.90 -41.80
N LEU C 29 -6.30 -8.08 -42.38
CA LEU C 29 -5.36 -8.69 -43.29
C LEU C 29 -5.86 -8.43 -44.70
N LYS C 30 -4.98 -8.03 -45.60
CA LYS C 30 -5.41 -7.92 -46.99
C LYS C 30 -4.36 -8.54 -47.89
N CYS C 31 -4.77 -8.99 -49.09
CA CYS C 31 -3.81 -9.59 -50.03
C CYS C 31 -3.32 -8.60 -51.06
N GLN C 32 -2.16 -8.93 -51.64
CA GLN C 32 -1.54 -8.21 -52.75
C GLN C 32 -1.34 -9.21 -53.89
N GLY C 33 -2.44 -9.54 -54.56
CA GLY C 33 -2.35 -10.39 -55.72
C GLY C 33 -3.48 -10.12 -56.69
N ALA C 34 -3.16 -10.05 -57.96
CA ALA C 34 -4.21 -9.75 -58.93
C ALA C 34 -5.14 -10.94 -59.12
N TYR C 35 -6.38 -10.62 -59.48
CA TYR C 35 -7.45 -11.58 -59.63
C TYR C 35 -7.70 -11.85 -61.12
N SER C 36 -8.43 -12.91 -61.43
CA SER C 36 -8.73 -13.21 -62.83
C SER C 36 -9.95 -12.43 -63.29
N PRO C 37 -10.16 -12.35 -64.60
CA PRO C 37 -11.43 -11.80 -65.10
C PRO C 37 -12.64 -12.62 -64.68
N GLU C 38 -12.51 -13.96 -64.62
CA GLU C 38 -13.62 -14.83 -64.22
C GLU C 38 -14.01 -14.62 -62.76
N ASP C 39 -13.04 -14.62 -61.84
CA ASP C 39 -13.38 -14.44 -60.43
C ASP C 39 -12.33 -13.65 -59.66
N GLN C 40 -12.80 -12.88 -58.68
CA GLN C 40 -11.98 -12.03 -57.81
C GLN C 40 -11.95 -12.57 -56.39
N SER C 41 -12.13 -13.90 -56.25
CA SER C 41 -12.22 -14.52 -54.94
C SER C 41 -10.84 -14.76 -54.34
N THR C 42 -10.81 -14.72 -53.02
CA THR C 42 -9.60 -14.89 -52.25
C THR C 42 -9.76 -16.15 -51.41
N GLN C 43 -8.65 -16.78 -51.14
CA GLN C 43 -8.66 -17.93 -50.26
C GLN C 43 -7.73 -17.64 -49.10
N TRP C 44 -8.26 -17.68 -47.88
CA TRP C 44 -7.55 -17.37 -46.63
C TRP C 44 -7.37 -18.64 -45.81
N PHE C 45 -6.27 -18.73 -45.07
CA PHE C 45 -5.97 -20.01 -44.43
C PHE C 45 -5.96 -20.02 -42.91
N HIS C 46 -5.14 -19.21 -42.25
CA HIS C 46 -5.07 -19.31 -40.77
C HIS C 46 -4.69 -20.66 -40.14
N ASN C 47 -3.42 -20.85 -39.86
CA ASN C 47 -2.88 -22.14 -39.44
C ASN C 47 -3.43 -23.21 -40.37
N GLU C 48 -3.09 -23.12 -41.64
CA GLU C 48 -3.64 -24.13 -42.57
C GLU C 48 -4.91 -24.72 -41.93
N SER C 49 -6.00 -23.96 -41.96
CA SER C 49 -7.31 -24.37 -41.41
C SER C 49 -8.40 -23.99 -42.42
N LEU C 50 -8.10 -23.02 -43.28
CA LEU C 50 -9.05 -22.56 -44.32
C LEU C 50 -10.26 -21.89 -43.68
N ILE C 51 -10.45 -20.60 -43.97
CA ILE C 51 -11.59 -19.83 -43.46
C ILE C 51 -12.87 -20.18 -44.19
N SER C 52 -13.56 -19.17 -44.68
CA SER C 52 -14.85 -19.44 -45.28
C SER C 52 -15.16 -18.32 -46.24
N SER C 53 -15.01 -17.09 -45.76
CA SER C 53 -15.23 -15.93 -46.63
C SER C 53 -14.17 -15.92 -47.72
N GLN C 54 -14.57 -15.44 -48.90
CA GLN C 54 -13.67 -15.28 -50.02
C GLN C 54 -13.30 -13.82 -50.25
N ALA C 55 -13.59 -12.95 -49.27
CA ALA C 55 -13.40 -11.51 -49.43
C ALA C 55 -11.92 -11.14 -49.44
N SER C 56 -11.61 -9.98 -50.01
CA SER C 56 -10.22 -9.62 -50.20
C SER C 56 -9.52 -9.29 -48.89
N SER C 57 -10.29 -8.89 -47.89
CA SER C 57 -9.71 -8.55 -46.61
C SER C 57 -10.34 -9.41 -45.53
N TYR C 58 -9.50 -9.91 -44.64
CA TYR C 58 -9.92 -10.67 -43.49
C TYR C 58 -9.93 -9.77 -42.28
N PHE C 59 -11.07 -9.77 -41.61
CA PHE C 59 -11.25 -8.85 -40.48
C PHE C 59 -11.40 -9.59 -39.16
N ILE C 60 -10.60 -9.17 -38.20
CA ILE C 60 -10.68 -9.64 -36.83
C ILE C 60 -11.16 -8.47 -35.98
N ASP C 61 -12.46 -8.45 -35.70
CA ASP C 61 -13.04 -7.43 -34.84
C ASP C 61 -12.41 -7.48 -33.45
N ALA C 62 -12.68 -8.54 -32.67
CA ALA C 62 -12.22 -8.65 -31.28
C ALA C 62 -11.21 -9.79 -31.20
N ALA C 63 -9.94 -9.46 -31.35
CA ALA C 63 -8.92 -10.51 -31.34
C ALA C 63 -8.95 -11.28 -30.02
N THR C 64 -9.04 -12.60 -30.14
CA THR C 64 -8.82 -13.52 -29.03
C THR C 64 -7.46 -14.20 -29.19
N VAL C 65 -7.08 -14.94 -28.15
CA VAL C 65 -5.80 -15.64 -28.21
C VAL C 65 -5.81 -16.75 -29.25
N ASP C 66 -6.98 -17.31 -29.57
CA ASP C 66 -7.10 -18.36 -30.58
C ASP C 66 -6.83 -17.83 -32.01
N ASP C 67 -6.81 -16.51 -32.23
CA ASP C 67 -6.54 -15.91 -33.53
C ASP C 67 -5.06 -15.66 -33.79
N SER C 68 -4.17 -16.04 -32.89
CA SER C 68 -2.74 -15.97 -33.17
C SER C 68 -2.35 -17.06 -34.15
N GLY C 69 -1.22 -16.88 -34.81
CA GLY C 69 -0.74 -17.93 -35.69
C GLY C 69 -0.41 -17.42 -37.09
N GLU C 70 -0.44 -18.34 -38.05
CA GLU C 70 0.10 -18.14 -39.39
C GLU C 70 -1.04 -17.87 -40.35
N TYR C 71 -1.01 -16.75 -41.03
CA TYR C 71 -2.05 -16.41 -41.98
C TYR C 71 -1.47 -16.45 -43.38
N ARG C 72 -2.25 -16.94 -44.33
CA ARG C 72 -1.79 -16.85 -45.70
C ARG C 72 -2.98 -16.84 -46.64
N CYS C 73 -2.71 -16.44 -47.87
CA CYS C 73 -3.80 -16.23 -48.79
C CYS C 73 -3.39 -16.52 -50.21
N GLN C 74 -4.37 -16.61 -51.07
CA GLN C 74 -4.09 -16.96 -52.46
C GLN C 74 -5.27 -16.56 -53.34
N THR C 75 -4.96 -16.02 -54.52
CA THR C 75 -5.92 -15.58 -55.51
C THR C 75 -5.75 -16.43 -56.75
N GLN C 76 -6.61 -16.15 -57.74
CA GLN C 76 -6.65 -16.99 -58.94
C GLN C 76 -5.36 -16.93 -59.72
N LEU C 77 -4.80 -15.74 -59.88
CA LEU C 77 -3.59 -15.59 -60.66
C LEU C 77 -2.40 -15.28 -59.76
N SER C 78 -2.30 -16.02 -58.65
CA SER C 78 -1.15 -15.94 -57.76
C SER C 78 -0.95 -17.30 -57.10
N THR C 79 0.25 -17.54 -56.62
CA THR C 79 0.54 -18.74 -55.84
C THR C 79 0.26 -18.47 -54.37
N LEU C 80 0.30 -19.53 -53.56
CA LEU C 80 0.07 -19.41 -52.12
C LEU C 80 1.05 -18.43 -51.48
N SER C 81 0.50 -17.49 -50.73
CA SER C 81 1.31 -16.49 -50.05
C SER C 81 2.21 -17.11 -48.98
N ASP C 82 3.32 -16.45 -48.72
CA ASP C 82 4.10 -16.78 -47.56
C ASP C 82 3.32 -16.38 -46.31
N PRO C 83 3.45 -17.15 -45.22
CA PRO C 83 2.68 -16.86 -44.00
C PRO C 83 3.17 -15.62 -43.30
N VAL C 84 2.24 -14.96 -42.63
CA VAL C 84 2.57 -13.84 -41.76
C VAL C 84 2.06 -14.18 -40.38
N GLN C 85 2.88 -13.89 -39.36
CA GLN C 85 2.57 -14.24 -37.96
C GLN C 85 1.78 -13.13 -37.30
N LEU C 86 0.75 -13.53 -36.57
CA LEU C 86 0.01 -12.65 -35.69
C LEU C 86 0.13 -13.15 -34.25
N GLU C 87 0.57 -12.29 -33.34
CA GLU C 87 0.77 -12.65 -31.92
C GLU C 87 -0.21 -11.85 -31.08
N VAL C 88 -1.27 -12.50 -30.62
CA VAL C 88 -2.26 -11.90 -29.74
C VAL C 88 -1.85 -12.14 -28.30
N HIS C 89 -1.42 -11.10 -27.61
CA HIS C 89 -1.05 -11.18 -26.19
C HIS C 89 -2.19 -10.75 -25.28
N ILE C 90 -2.06 -11.14 -24.00
CA ILE C 90 -2.99 -10.77 -22.94
C ILE C 90 -2.29 -9.81 -21.98
N GLY C 91 -2.99 -8.78 -21.54
CA GLY C 91 -2.35 -7.83 -20.65
C GLY C 91 -3.00 -6.47 -20.74
N TRP C 92 -2.34 -5.52 -20.09
CA TRP C 92 -2.80 -4.15 -20.07
C TRP C 92 -2.07 -3.29 -21.07
N LEU C 93 -0.82 -3.66 -21.37
CA LEU C 93 0.11 -2.84 -22.13
C LEU C 93 0.94 -3.78 -22.98
N LEU C 94 1.37 -3.27 -24.11
CA LEU C 94 2.12 -4.09 -25.03
C LEU C 94 2.97 -3.13 -25.81
N LEU C 95 4.28 -3.27 -25.68
CA LEU C 95 5.22 -2.58 -26.57
C LEU C 95 5.05 -3.09 -27.98
N GLN C 96 4.78 -2.18 -28.93
CA GLN C 96 4.65 -2.42 -30.37
C GLN C 96 5.68 -1.57 -31.12
N ALA C 97 6.17 -2.05 -32.25
CA ALA C 97 7.18 -1.34 -33.05
C ALA C 97 6.91 -1.54 -34.54
N PRO C 98 7.33 -0.60 -35.39
CA PRO C 98 7.16 -0.79 -36.85
C PRO C 98 8.19 -1.74 -37.42
N ARG C 99 9.34 -1.83 -36.76
CA ARG C 99 10.47 -2.69 -37.11
C ARG C 99 11.08 -3.16 -35.79
N TRP C 100 11.59 -4.38 -35.77
CA TRP C 100 12.20 -4.88 -34.56
C TRP C 100 13.69 -5.13 -34.72
N VAL C 101 14.24 -4.92 -35.92
CA VAL C 101 15.63 -5.20 -36.24
C VAL C 101 16.34 -3.87 -36.42
N PHE C 102 17.45 -3.70 -35.74
CA PHE C 102 18.07 -2.38 -35.71
C PHE C 102 19.57 -2.44 -35.91
N LYS C 103 20.03 -1.50 -36.73
CA LYS C 103 21.41 -1.29 -37.11
C LYS C 103 21.84 0.07 -36.57
N GLU C 104 23.14 0.28 -36.44
CA GLU C 104 23.63 1.60 -36.03
C GLU C 104 23.08 2.69 -36.95
N GLU C 105 22.54 3.74 -36.33
CA GLU C 105 22.01 4.96 -36.95
C GLU C 105 20.58 4.73 -37.42
N ASP C 106 19.99 3.56 -37.20
CA ASP C 106 18.57 3.45 -37.52
C ASP C 106 17.75 4.20 -36.49
N PRO C 107 16.56 4.66 -36.86
CA PRO C 107 15.62 5.17 -35.86
C PRO C 107 14.93 4.04 -35.13
N ILE C 108 14.63 4.28 -33.86
CA ILE C 108 13.94 3.31 -33.02
C ILE C 108 12.58 3.90 -32.65
N HIS C 109 11.51 3.35 -33.22
CA HIS C 109 10.15 3.82 -32.95
C HIS C 109 9.48 2.77 -32.10
N LEU C 110 9.05 3.15 -30.90
CA LEU C 110 8.41 2.25 -29.97
C LEU C 110 7.09 2.87 -29.54
N ARG C 111 6.11 2.02 -29.33
CA ARG C 111 4.77 2.46 -29.00
C ARG C 111 4.28 1.65 -27.82
N CYS C 112 3.64 2.33 -26.87
CA CYS C 112 3.09 1.66 -25.70
C CYS C 112 1.59 1.50 -25.90
N HIS C 113 1.17 0.38 -26.50
CA HIS C 113 -0.24 0.14 -26.79
C HIS C 113 -0.97 -0.39 -25.56
N SER C 114 -2.19 0.09 -25.38
CA SER C 114 -3.00 -0.19 -24.22
C SER C 114 -4.28 -0.92 -24.59
N TRP C 115 -4.73 -1.76 -23.66
CA TRP C 115 -5.92 -2.58 -23.82
C TRP C 115 -7.09 -1.70 -24.18
N LYS C 116 -7.66 -1.97 -25.35
CA LYS C 116 -8.78 -1.19 -25.90
C LYS C 116 -8.47 0.30 -26.04
N ASN C 117 -7.20 0.66 -26.31
CA ASN C 117 -6.83 2.06 -26.55
C ASN C 117 -7.22 2.95 -25.38
N THR C 118 -7.25 2.38 -24.18
CA THR C 118 -7.61 3.17 -23.02
C THR C 118 -6.55 4.22 -22.79
N ALA C 119 -7.02 5.43 -22.47
CA ALA C 119 -6.15 6.53 -22.11
C ALA C 119 -5.16 6.12 -21.05
N LEU C 120 -3.90 6.43 -21.30
CA LEU C 120 -2.78 6.05 -20.46
C LEU C 120 -2.08 7.31 -20.00
N HIS C 121 -1.67 7.35 -18.73
CA HIS C 121 -1.08 8.55 -18.18
C HIS C 121 0.14 8.24 -17.34
N LYS C 122 1.02 9.19 -17.24
CA LYS C 122 2.28 9.04 -16.51
C LYS C 122 3.03 7.83 -17.06
N VAL C 123 3.26 7.88 -18.35
CA VAL C 123 3.80 6.75 -19.06
C VAL C 123 5.31 6.83 -19.05
N THR C 124 5.94 5.72 -18.70
CA THR C 124 7.39 5.66 -18.65
C THR C 124 7.89 4.51 -19.50
N TYR C 125 8.89 4.83 -20.30
CA TYR C 125 9.63 3.87 -21.10
C TYR C 125 10.94 3.66 -20.38
N LEU C 126 11.23 2.40 -20.09
CA LEU C 126 12.38 1.94 -19.31
C LEU C 126 13.25 1.07 -20.17
N GLN C 127 14.56 1.31 -20.08
CA GLN C 127 15.59 0.46 -20.65
C GLN C 127 16.45 -0.08 -19.50
N ASN C 128 16.59 -1.40 -19.45
CA ASN C 128 17.45 -2.06 -18.46
C ASN C 128 17.01 -1.69 -17.03
N GLY C 129 15.69 -1.64 -16.80
CA GLY C 129 15.15 -1.41 -15.47
C GLY C 129 15.24 0.01 -14.95
N LYS C 130 15.63 0.96 -15.78
CA LYS C 130 15.74 2.34 -15.37
C LYS C 130 14.89 3.20 -16.29
N GLY C 131 14.20 4.18 -15.70
CA GLY C 131 13.43 5.16 -16.44
C GLY C 131 14.30 5.91 -17.42
N ARG C 132 13.91 5.92 -18.68
CA ARG C 132 14.65 6.56 -19.75
C ARG C 132 13.90 7.71 -20.35
N LYS C 133 12.58 7.58 -20.52
CA LYS C 133 11.80 8.71 -21.03
C LYS C 133 10.41 8.67 -20.42
N TYR C 134 9.92 9.84 -20.02
CA TYR C 134 8.63 9.97 -19.38
C TYR C 134 7.70 10.92 -20.14
N PHE C 135 6.41 10.58 -20.15
CA PHE C 135 5.38 11.36 -20.81
C PHE C 135 4.18 11.46 -19.90
N HIS C 136 3.66 12.67 -19.74
CA HIS C 136 2.45 12.85 -18.95
C HIS C 136 1.29 12.08 -19.53
N HIS C 137 1.23 12.00 -20.85
CA HIS C 137 0.14 11.38 -21.57
C HIS C 137 0.75 10.40 -22.55
N ASN C 138 0.05 9.29 -22.78
CA ASN C 138 0.53 8.24 -23.65
C ASN C 138 0.99 8.82 -25.00
N SER C 139 2.26 8.64 -25.27
CA SER C 139 2.86 9.12 -26.49
C SER C 139 3.90 8.10 -26.92
N ASP C 140 4.34 8.21 -28.17
CA ASP C 140 5.30 7.26 -28.69
C ASP C 140 6.71 7.64 -28.27
N PHE C 141 7.56 6.64 -28.18
CA PHE C 141 8.96 6.77 -27.84
C PHE C 141 9.76 6.68 -29.12
N TYR C 142 10.72 7.58 -29.32
CA TYR C 142 11.38 7.63 -30.62
C TYR C 142 12.83 8.09 -30.44
N ILE C 143 13.76 7.19 -30.69
CA ILE C 143 15.19 7.51 -30.71
C ILE C 143 15.57 7.88 -32.13
N PRO C 144 16.16 9.05 -32.36
CA PRO C 144 16.43 9.50 -33.74
C PRO C 144 17.32 8.54 -34.51
N LYS C 145 18.52 8.30 -33.98
CA LYS C 145 19.48 7.40 -34.61
C LYS C 145 20.01 6.50 -33.50
N ALA C 146 19.78 5.18 -33.62
CA ALA C 146 20.22 4.17 -32.66
C ALA C 146 21.68 4.29 -32.27
N THR C 147 22.10 3.55 -31.24
CA THR C 147 23.53 3.42 -30.95
C THR C 147 23.74 2.16 -30.14
N LEU C 148 24.95 1.63 -30.22
CA LEU C 148 25.24 0.36 -29.60
C LEU C 148 24.85 0.38 -28.12
N LYS C 149 24.89 1.55 -27.48
CA LYS C 149 24.45 1.62 -26.10
C LYS C 149 22.93 1.61 -25.96
N ASP C 150 22.15 1.72 -27.05
CA ASP C 150 20.69 1.72 -26.89
C ASP C 150 20.13 0.32 -26.80
N SER C 151 20.95 -0.71 -26.88
CA SER C 151 20.38 -2.05 -26.77
C SER C 151 20.09 -2.37 -25.32
N GLY C 152 19.17 -3.29 -25.12
CA GLY C 152 18.77 -3.71 -23.79
C GLY C 152 17.35 -4.22 -23.79
N SER C 153 16.87 -4.55 -22.60
CA SER C 153 15.47 -4.92 -22.38
C SER C 153 14.68 -3.66 -22.11
N TYR C 154 13.50 -3.58 -22.71
CA TYR C 154 12.66 -2.40 -22.70
C TYR C 154 11.30 -2.80 -22.21
N PHE C 155 10.70 -1.92 -21.42
CA PHE C 155 9.27 -2.06 -21.19
C PHE C 155 8.67 -0.70 -20.86
N CYS C 156 7.37 -0.68 -20.71
CA CYS C 156 6.65 0.57 -20.54
C CYS C 156 5.64 0.37 -19.43
N ARG C 157 5.46 1.39 -18.59
CA ARG C 157 4.43 1.32 -17.58
C ARG C 157 3.68 2.62 -17.50
N GLY C 158 2.48 2.56 -16.90
CA GLY C 158 1.78 3.79 -16.57
C GLY C 158 0.46 3.50 -15.89
N LEU C 159 -0.40 4.50 -15.88
CA LEU C 159 -1.61 4.46 -15.07
C LEU C 159 -2.84 4.28 -15.94
N PHE C 160 -3.58 3.23 -15.66
CA PHE C 160 -4.79 2.88 -16.39
C PHE C 160 -5.99 3.31 -15.56
N GLY C 161 -5.98 4.56 -15.12
CA GLY C 161 -7.01 5.07 -14.23
C GLY C 161 -6.88 4.53 -12.82
N SER C 162 -5.86 5.01 -12.11
CA SER C 162 -5.53 4.64 -10.74
C SER C 162 -4.74 3.33 -10.66
N LYS C 163 -5.02 2.35 -11.54
CA LYS C 163 -4.23 1.12 -11.55
C LYS C 163 -2.88 1.37 -12.21
N ASN C 164 -1.81 0.88 -11.60
CA ASN C 164 -0.46 1.08 -12.11
C ASN C 164 -0.06 -0.22 -12.78
N VAL C 165 0.20 -0.18 -14.08
CA VAL C 165 0.29 -1.41 -14.85
C VAL C 165 1.55 -1.39 -15.70
N SER C 166 1.99 -2.58 -16.08
CA SER C 166 3.25 -2.75 -16.76
C SER C 166 3.07 -3.62 -18.00
N SER C 167 3.98 -3.48 -18.96
CA SER C 167 3.98 -4.38 -20.08
C SER C 167 5.08 -5.42 -19.91
N GLU C 168 4.97 -6.48 -20.68
CA GLU C 168 6.04 -7.46 -20.73
C GLU C 168 7.24 -6.80 -21.42
N THR C 169 8.44 -7.17 -20.99
CA THR C 169 9.65 -6.58 -21.56
C THR C 169 10.02 -7.28 -22.86
N VAL C 170 10.65 -6.52 -23.76
CA VAL C 170 11.17 -7.03 -25.04
C VAL C 170 12.67 -6.74 -25.09
N GLN C 171 13.38 -7.55 -25.85
CA GLN C 171 14.80 -7.30 -26.04
C GLN C 171 15.02 -6.53 -27.33
N ILE C 172 16.09 -5.74 -27.34
CA ILE C 172 16.36 -4.87 -28.48
C ILE C 172 17.86 -4.76 -28.65
N THR C 173 18.38 -5.38 -29.70
CA THR C 173 19.81 -5.39 -30.01
C THR C 173 20.08 -4.46 -31.18
N ILE C 174 21.23 -3.80 -31.13
CA ILE C 174 21.69 -2.90 -32.18
C ILE C 174 22.82 -3.59 -32.91
N THR C 175 22.78 -3.58 -34.26
CA THR C 175 23.75 -4.33 -35.07
C THR C 175 24.67 -3.38 -35.86
N GLN C 176 25.48 -3.99 -36.72
CA GLN C 176 26.56 -3.43 -37.56
C GLN C 176 27.57 -2.68 -36.69
N GLY C 177 28.12 -1.62 -37.26
CA GLY C 177 29.14 -0.81 -36.63
C GLY C 177 30.31 -1.64 -36.17
C1 NAG D . 9.72 8.87 -9.88
C2 NAG D . 8.22 8.59 -9.75
C3 NAG D . 7.61 9.43 -8.65
C4 NAG D . 8.36 9.23 -7.34
C5 NAG D . 9.83 9.53 -7.54
C6 NAG D . 10.65 9.21 -6.31
C7 NAG D . 7.07 7.83 -11.79
C8 NAG D . 6.42 8.26 -13.07
N2 NAG D . 7.54 8.81 -11.01
O3 NAG D . 6.25 9.03 -8.55
O4 NAG D . 7.94 10.14 -6.33
O5 NAG D . 10.36 8.72 -8.61
O6 NAG D . 11.15 7.89 -6.33
O7 NAG D . 7.17 6.65 -11.48
C1 NAG D . 6.98 9.62 -5.40
C2 NAG D . 7.13 10.36 -4.06
C3 NAG D . 6.12 9.81 -3.05
C4 NAG D . 4.71 9.84 -3.62
C5 NAG D . 4.66 9.20 -5.02
C6 NAG D . 3.32 9.41 -5.69
C7 NAG D . 9.37 11.21 -3.52
C8 NAG D . 10.73 10.86 -2.95
N2 NAG D . 8.48 10.23 -3.53
O3 NAG D . 6.21 10.57 -1.86
O4 NAG D . 3.87 9.00 -2.83
O5 NAG D . 5.65 9.77 -5.89
O6 NAG D . 3.27 8.71 -6.92
O7 NAG D . 9.13 12.32 -3.95
C1 BMA D . 3.23 9.63 -1.71
C2 BMA D . 1.88 8.97 -1.54
C3 BMA D . 1.17 9.51 -0.33
C4 BMA D . 2.08 9.37 0.91
C5 BMA D . 3.45 10.03 0.65
C6 BMA D . 4.48 9.88 1.77
O2 BMA D . 2.08 7.61 -1.26
O3 BMA D . -0.04 8.77 -0.13
O4 BMA D . 1.48 9.97 2.06
O5 BMA D . 4.02 9.46 -0.56
O6 BMA D . 5.69 10.53 1.33
C1 MAN D . -1.19 9.64 -0.14
C2 MAN D . -2.35 8.91 0.59
C3 MAN D . -2.68 7.66 -0.15
C4 MAN D . -3.01 7.98 -1.61
C5 MAN D . -1.83 8.76 -2.26
C6 MAN D . -2.08 9.23 -3.71
O2 MAN D . -3.57 9.63 0.53
O3 MAN D . -3.76 6.95 0.43
O4 MAN D . -3.20 6.75 -2.27
O5 MAN D . -1.54 9.92 -1.46
O6 MAN D . -0.82 9.20 -4.42
C1 NAG D . -3.42 10.94 1.12
C2 NAG D . -4.71 11.72 0.80
C3 NAG D . -4.73 13.11 1.47
C4 NAG D . -4.35 13.02 2.94
C5 NAG D . -3.06 12.20 3.12
C6 NAG D . -2.64 11.99 4.55
C7 NAG D . -4.26 12.37 -1.62
C8 NAG D . -3.01 13.11 -1.23
N2 NAG D . -4.98 11.78 -0.64
O3 NAG D . -6.04 13.66 1.32
O4 NAG D . -4.14 14.32 3.47
O5 NAG D . -3.23 10.89 2.54
O6 NAG D . -3.40 10.96 5.17
O7 NAG D . -4.62 12.29 -2.79
C1 MAN D . 6.71 10.47 2.36
C2 MAN D . 7.99 11.24 1.89
C3 MAN D . 8.80 10.50 0.85
C4 MAN D . 9.07 9.08 1.27
C5 MAN D . 7.77 8.37 1.64
C6 MAN D . 7.97 7.05 2.30
O2 MAN D . 8.91 11.38 2.96
O3 MAN D . 10.05 11.15 0.65
O4 MAN D . 9.70 8.42 0.19
O5 MAN D . 7.04 9.12 2.64
O6 MAN D . 6.70 6.74 2.89
C1 NAG D . 8.54 12.54 3.75
C2 NAG D . 9.02 12.29 5.17
C3 NAG D . 8.71 13.50 6.06
C4 NAG D . 9.23 14.78 5.41
C5 NAG D . 8.74 14.89 3.96
C6 NAG D . 9.35 16.05 3.21
C7 NAG D . 9.06 9.91 5.74
C8 NAG D . 10.44 9.89 5.18
N2 NAG D . 8.42 11.09 5.72
O3 NAG D . 9.33 13.32 7.32
O4 NAG D . 8.80 15.92 6.15
O5 NAG D . 9.14 13.71 3.23
O6 NAG D . 10.44 15.61 2.42
O7 NAG D . 8.53 8.90 6.21
C1 FUC D . 11.85 7.66 -5.10
C2 FUC D . 11.03 6.64 -4.39
C3 FUC D . 10.75 5.57 -5.43
C4 FUC D . 12.08 4.86 -5.63
C5 FUC D . 13.14 5.88 -6.13
C6 FUC D . 14.59 5.36 -6.08
O2 FUC D . 9.85 7.18 -3.75
O3 FUC D . 9.83 4.67 -4.91
O4 FUC D . 12.50 4.34 -4.35
O5 FUC D . 13.12 7.10 -5.33
C1 NAG E . -16.25 3.03 -3.97
C2 NAG E . -14.75 3.22 -4.13
C3 NAG E . -13.99 2.00 -3.59
C4 NAG E . -14.43 1.70 -2.16
C5 NAG E . -15.96 1.60 -2.08
C6 NAG E . -16.45 1.53 -0.65
C7 NAG E . -13.86 4.56 -6.00
C8 NAG E . -13.61 4.60 -7.47
N2 NAG E . -14.42 3.44 -5.54
O3 NAG E . -12.60 2.30 -3.59
O4 NAG E . -13.86 0.47 -1.71
O5 NAG E . -16.56 2.79 -2.64
O6 NAG E . -16.18 2.75 0.00
O7 NAG E . -13.58 5.51 -5.25
C1 NAG E . -12.65 0.66 -0.91
C2 NAG E . -12.56 -0.49 0.13
C3 NAG E . -11.24 -0.43 0.89
C4 NAG E . -10.04 -0.25 -0.04
C5 NAG E . -10.30 0.88 -1.02
C6 NAG E . -9.20 1.00 -2.06
C7 NAG E . -14.58 -1.34 1.29
C8 NAG E . -15.65 -1.00 2.29
N2 NAG E . -13.69 -0.37 1.05
O3 NAG E . -11.08 -1.63 1.65
O4 NAG E . -8.89 0.10 0.71
O5 NAG E . -11.50 0.62 -1.74
O6 NAG E . -9.28 2.23 -2.78
O7 NAG E . -14.54 -2.44 0.73
C1 BMA E . -8.11 -1.04 1.09
C2 BMA E . -6.65 -0.66 0.89
C3 BMA E . -5.75 -1.70 1.52
C4 BMA E . -6.18 -1.98 2.94
C5 BMA E . -7.67 -2.37 2.99
C6 BMA E . -8.21 -2.59 4.38
O2 BMA E . -6.42 0.52 1.58
O3 BMA E . -4.41 -1.23 1.57
O4 BMA E . -5.40 -3.04 3.45
O5 BMA E . -8.41 -1.30 2.43
O6 BMA E . -9.64 -2.54 4.28
C1 MAN E . -3.43 -2.00 0.83
C2 MAN E . -2.03 -1.56 1.33
C3 MAN E . -1.79 -0.11 0.98
C4 MAN E . -2.11 0.17 -0.54
C5 MAN E . -3.49 -0.38 -0.90
C6 MAN E . -3.78 -0.28 -2.36
O2 MAN E . -1.01 -2.25 0.64
O3 MAN E . -0.47 0.31 1.35
O4 MAN E . -2.15 1.55 -0.78
O5 MAN E . -3.56 -1.78 -0.55
O6 MAN E . -5.04 0.36 -2.53
C1 NAG E . -0.83 -3.51 1.33
C2 NAG E . -0.18 -4.51 0.39
C3 NAG E . 0.00 -5.86 1.09
C4 NAG E . 0.76 -5.68 2.39
C5 NAG E . 0.11 -4.61 3.27
C6 NAG E . 0.92 -4.28 4.51
C7 NAG E . -2.03 -5.09 -1.24
C8 NAG E . -2.92 -5.56 -0.12
N2 NAG E . -0.81 -4.63 -0.93
O3 NAG E . 0.70 -6.75 0.23
O4 NAG E . 0.78 -6.90 3.12
O5 NAG E . -0.04 -3.36 2.54
O6 NAG E . 0.38 -3.17 5.23
O7 NAG E . -2.42 -5.11 -2.42
C1 MAN E . -10.21 -3.04 5.49
C2 MAN E . -11.63 -3.60 5.23
C3 MAN E . -12.55 -2.49 4.89
C4 MAN E . -12.45 -1.39 5.99
C5 MAN E . -11.02 -0.89 6.10
C6 MAN E . -10.76 0.15 7.18
O2 MAN E . -12.25 -4.12 6.40
O3 MAN E . -13.88 -3.02 4.79
O4 MAN E . -13.27 -0.31 5.66
O5 MAN E . -10.21 -2.01 6.45
O6 MAN E . -9.34 0.17 7.49
C1 NAG E . -11.93 -5.51 6.65
C2 NAG E . -11.90 -5.82 8.15
C3 NAG E . -11.69 -7.30 8.40
C4 NAG E . -12.69 -8.12 7.60
C5 NAG E . -12.68 -7.69 6.13
C6 NAG E . -13.78 -8.35 5.33
C7 NAG E . -11.11 -3.94 9.53
C8 NAG E . -12.55 -3.48 9.57
N2 NAG E . -10.87 -5.06 8.83
O3 NAG E . -11.84 -7.54 9.79
O4 NAG E . -12.36 -9.50 7.67
O5 NAG E . -12.92 -6.28 6.03
O6 NAG E . -14.93 -7.52 5.29
O7 NAG E . -10.22 -3.33 10.10
C1 FUC E . -16.66 2.76 1.35
C2 FUC E . -15.50 3.28 2.20
C3 FUC E . -15.19 4.72 1.82
C4 FUC E . -16.44 5.59 1.97
C5 FUC E . -17.65 4.98 1.17
C6 FUC E . -19.00 5.63 1.50
O2 FUC E . -14.32 2.48 2.09
O3 FUC E . -14.23 5.22 2.74
O4 FUC E . -16.75 5.71 3.36
O5 FUC E . -17.82 3.57 1.44
C1 NAG F . 4.14 2.25 -10.79
C2 NAG F . 4.83 3.66 -10.85
C3 NAG F . 6.31 3.68 -10.34
C4 NAG F . 6.75 2.49 -9.53
C5 NAG F . 6.11 1.26 -10.09
C6 NAG F . 6.51 -0.01 -9.39
C7 NAG F . 4.18 5.07 -12.78
C8 NAG F . 4.44 5.31 -14.23
N2 NAG F . 4.87 4.06 -12.24
O3 NAG F . 6.64 4.91 -9.70
O4 NAG F . 8.17 2.33 -9.69
O5 NAG F . 4.73 1.47 -9.84
O6 NAG F . 5.51 -1.02 -9.49
O7 NAG F . 3.39 5.74 -12.15
C1 NAG G . -2.95 -21.21 -34.51
C2 NAG G . -4.05 -21.56 -33.53
C3 NAG G . -3.78 -20.89 -32.19
C4 NAG G . -2.38 -21.23 -31.70
C5 NAG G . -1.37 -20.90 -32.79
C6 NAG G . 0.05 -21.29 -32.43
C7 NAG G . -6.15 -22.00 -34.72
C8 NAG G . -7.48 -21.44 -35.13
N2 NAG G . -5.36 -21.17 -34.02
O3 NAG G . -4.76 -21.28 -31.25
O4 NAG G . -2.08 -20.42 -30.57
O5 NAG G . -1.71 -21.61 -33.99
O6 NAG G . 0.19 -22.71 -32.31
O7 NAG G . -5.80 -23.14 -35.01
#